data_8YNW
#
_entry.id   8YNW
#
_cell.length_a   42.989
_cell.length_b   83.552
_cell.length_c   85.729
_cell.angle_alpha   73.484
_cell.angle_beta   82.839
_cell.angle_gamma   83.617
#
_symmetry.space_group_name_H-M   'P 1'
#
loop_
_entity.id
_entity.type
_entity.pdbx_description
1 polymer 'Poly(3-hydroxybutyrate) depolymerase'
2 non-polymer 3,6,9,12,15,18-HEXAOXAICOSANE-1,20-DIOL
3 non-polymer 2-AMINO-2-HYDROXYMETHYL-PROPANE-1,3-DIOL
4 water water
#
_entity_poly.entity_id   1
_entity_poly.type   'polypeptide(L)'
_entity_poly.pdbx_seq_one_letter_code
;MRGSHHHHHHGSIKPATMEFVSLSNGETIAYQEVGRRNTDILVLIHGNMTSSQHWDLVIEKLQDQYHIYALDLRGFGQST
YNQSIDSLQDFAEDVKLFIDELKLEKFSLMGWAMGGGVAMQFTANHPTFVEKLILVESVGMKGYPIFKKDTNGQPIVSSL
VKTKEEIAQDPVQIAPVLDAIKNMNKLYYRTVWNLLIYTHNQPEPDRYEKYLDDMLTQRNFVDVNYALITFNISDEHNGV
VGGSKQIHRIKAPTLVIQGDRDYVVPQVVGEELAKHLPNAELKVLEDCGHSPFIDCLDVFIKHVEDWLEQK
;
_entity_poly.pdbx_strand_id   A,B,C,D
#
# COMPACT_ATOMS: atom_id res chain seq x y z
N ILE A 13 1.92 -49.82 15.52
CA ILE A 13 2.11 -48.38 15.67
C ILE A 13 2.18 -47.71 14.30
N LYS A 14 2.10 -48.50 13.24
CA LYS A 14 2.13 -47.95 11.90
C LYS A 14 0.90 -47.10 11.64
N PRO A 15 0.99 -46.13 10.75
CA PRO A 15 -0.20 -45.37 10.37
C PRO A 15 -1.15 -46.24 9.55
N ALA A 16 -2.37 -45.72 9.38
CA ALA A 16 -3.35 -46.36 8.50
C ALA A 16 -2.87 -46.34 7.06
N THR A 17 -3.31 -47.34 6.30
CA THR A 17 -3.03 -47.37 4.87
C THR A 17 -3.74 -46.21 4.19
N MET A 18 -3.06 -45.57 3.24
CA MET A 18 -3.55 -44.34 2.65
C MET A 18 -3.83 -44.52 1.16
N GLU A 19 -4.75 -43.71 0.66
CA GLU A 19 -4.96 -43.52 -0.77
C GLU A 19 -4.32 -42.18 -1.18
N PHE A 20 -4.15 -41.99 -2.48
CA PHE A 20 -3.52 -40.78 -2.99
C PHE A 20 -4.27 -40.28 -4.22
N VAL A 21 -4.39 -38.96 -4.33
CA VAL A 21 -5.02 -38.33 -5.49
C VAL A 21 -4.21 -37.08 -5.87
N SER A 22 -3.84 -36.97 -7.14
CA SER A 22 -3.13 -35.79 -7.62
C SER A 22 -4.14 -34.73 -8.02
N LEU A 23 -3.91 -33.50 -7.58
CA LEU A 23 -4.79 -32.39 -7.90
C LEU A 23 -4.23 -31.58 -9.05
N SER A 24 -5.10 -30.77 -9.65
CA SER A 24 -4.68 -29.96 -10.79
C SER A 24 -3.76 -28.82 -10.40
N ASN A 25 -3.49 -28.59 -9.12
CA ASN A 25 -2.49 -27.61 -8.73
C ASN A 25 -1.12 -28.24 -8.45
N GLY A 26 -0.90 -29.50 -8.85
CA GLY A 26 0.41 -30.11 -8.71
C GLY A 26 0.72 -30.67 -7.33
N GLU A 27 -0.26 -30.73 -6.44
CA GLU A 27 -0.07 -31.43 -5.18
C GLU A 27 -0.66 -32.83 -5.28
N THR A 28 -0.18 -33.72 -4.41
CA THR A 28 -0.77 -35.04 -4.24
C THR A 28 -1.22 -35.18 -2.80
N ILE A 29 -2.52 -35.37 -2.60
CA ILE A 29 -3.11 -35.43 -1.27
C ILE A 29 -3.26 -36.88 -0.87
N ALA A 30 -2.81 -37.22 0.33
CA ALA A 30 -3.02 -38.54 0.88
C ALA A 30 -4.26 -38.50 1.77
N TYR A 31 -5.02 -39.59 1.78
CA TYR A 31 -6.26 -39.58 2.54
C TYR A 31 -6.64 -40.99 2.93
N GLN A 32 -7.29 -41.11 4.09
CA GLN A 32 -7.97 -42.33 4.47
C GLN A 32 -9.39 -42.30 3.92
N GLU A 33 -9.86 -43.43 3.41
CA GLU A 33 -11.24 -43.56 3.01
C GLU A 33 -11.77 -44.88 3.54
N VAL A 34 -12.77 -44.81 4.43
CA VAL A 34 -13.34 -45.98 5.07
C VAL A 34 -14.86 -45.92 4.95
N GLY A 35 -15.50 -47.06 5.18
CA GLY A 35 -16.93 -47.17 5.14
C GLY A 35 -17.47 -47.00 3.74
N ARG A 36 -16.77 -47.54 2.74
CA ARG A 36 -17.04 -47.22 1.34
C ARG A 36 -18.43 -47.65 0.88
N ARG A 37 -19.12 -48.51 1.64
CA ARG A 37 -20.44 -48.97 1.24
C ARG A 37 -21.56 -48.29 2.01
N ASN A 38 -21.26 -47.28 2.83
CA ASN A 38 -22.27 -46.43 3.45
C ASN A 38 -22.62 -45.26 2.52
N THR A 39 -23.81 -44.70 2.71
CA THR A 39 -24.35 -43.69 1.81
C THR A 39 -23.95 -42.25 2.18
N ASP A 40 -24.00 -41.90 3.46
CA ASP A 40 -23.78 -40.52 3.87
C ASP A 40 -22.30 -40.26 4.05
N ILE A 41 -21.80 -39.19 3.42
CA ILE A 41 -20.37 -38.91 3.35
C ILE A 41 -20.00 -37.88 4.40
N LEU A 42 -18.90 -38.14 5.09
CA LEU A 42 -18.34 -37.27 6.12
C LEU A 42 -16.88 -37.03 5.80
N VAL A 43 -16.47 -35.77 5.76
CA VAL A 43 -15.10 -35.37 5.42
C VAL A 43 -14.46 -34.77 6.67
N LEU A 44 -13.28 -35.26 7.05
CA LEU A 44 -12.62 -34.84 8.29
C LEU A 44 -11.34 -34.06 7.99
N ILE A 45 -11.15 -32.93 8.68
CA ILE A 45 -9.98 -32.07 8.50
C ILE A 45 -9.28 -31.90 9.84
N HIS A 46 -8.04 -32.41 9.91
CA HIS A 46 -7.24 -32.34 11.13
C HIS A 46 -6.75 -30.91 11.36
N GLY A 47 -6.05 -30.69 12.48
CA GLY A 47 -5.52 -29.40 12.83
C GLY A 47 -3.99 -29.35 12.77
N ASN A 48 -3.43 -28.31 13.39
CA ASN A 48 -1.98 -28.15 13.37
C ASN A 48 -1.29 -29.27 14.13
N MET A 49 -0.04 -29.54 13.77
CA MET A 49 0.79 -30.59 14.36
C MET A 49 0.20 -31.98 14.19
N THR A 50 -0.78 -32.17 13.31
CA THR A 50 -1.40 -33.50 13.16
C THR A 50 -1.73 -33.75 11.69
N SER A 51 -1.98 -35.02 11.38
CA SER A 51 -2.54 -35.35 10.06
C SER A 51 -3.81 -36.15 10.29
N SER A 52 -4.32 -36.82 9.25
CA SER A 52 -5.54 -37.61 9.41
C SER A 52 -5.39 -38.75 10.43
N GLN A 53 -4.17 -39.11 10.80
CA GLN A 53 -4.00 -40.22 11.76
C GLN A 53 -4.65 -39.89 13.11
N HIS A 54 -4.72 -38.61 13.48
CA HIS A 54 -5.35 -38.23 14.74
C HIS A 54 -6.86 -38.39 14.75
N TRP A 55 -7.50 -38.67 13.60
CA TRP A 55 -8.92 -38.96 13.55
C TRP A 55 -9.24 -40.42 13.82
N ASP A 56 -8.23 -41.25 14.14
CA ASP A 56 -8.43 -42.69 14.23
C ASP A 56 -9.59 -43.04 15.16
N LEU A 57 -9.69 -42.39 16.32
CA LEU A 57 -10.71 -42.77 17.30
C LEU A 57 -12.10 -42.45 16.80
N VAL A 58 -12.26 -41.33 16.10
CA VAL A 58 -13.55 -40.96 15.52
C VAL A 58 -13.87 -41.84 14.33
N ILE A 59 -12.85 -42.19 13.54
CA ILE A 59 -13.05 -43.08 12.40
C ILE A 59 -13.53 -44.44 12.87
N GLU A 60 -12.91 -44.96 13.95
CA GLU A 60 -13.35 -46.25 14.49
C GLU A 60 -14.81 -46.21 14.94
N LYS A 61 -15.26 -45.06 15.45
CA LYS A 61 -16.61 -44.99 15.98
C LYS A 61 -17.65 -44.75 14.89
N LEU A 62 -17.27 -44.10 13.79
CA LEU A 62 -18.26 -43.63 12.82
C LEU A 62 -18.27 -44.41 11.51
N GLN A 63 -17.24 -45.23 11.23
CA GLN A 63 -17.10 -45.86 9.92
C GLN A 63 -18.13 -46.95 9.66
N ASP A 64 -18.73 -47.52 10.71
CA ASP A 64 -19.79 -48.47 10.45
C ASP A 64 -21.04 -47.81 9.90
N GLN A 65 -21.14 -46.47 9.98
CA GLN A 65 -22.32 -45.75 9.52
C GLN A 65 -22.04 -44.73 8.41
N TYR A 66 -20.84 -44.17 8.34
CA TYR A 66 -20.55 -43.11 7.37
C TYR A 66 -19.46 -43.56 6.41
N HIS A 67 -19.57 -43.07 5.18
CA HIS A 67 -18.47 -43.11 4.22
C HIS A 67 -17.57 -41.92 4.55
N ILE A 68 -16.39 -42.18 5.10
CA ILE A 68 -15.56 -41.14 5.69
C ILE A 68 -14.33 -40.94 4.82
N TYR A 69 -14.02 -39.69 4.52
CA TYR A 69 -12.74 -39.31 3.92
C TYR A 69 -12.00 -38.43 4.90
N ALA A 70 -10.81 -38.84 5.31
CA ALA A 70 -9.99 -38.06 6.23
C ALA A 70 -8.69 -37.73 5.53
N LEU A 71 -8.47 -36.47 5.21
CA LEU A 71 -7.34 -36.15 4.35
C LEU A 71 -6.19 -35.57 5.17
N ASP A 72 -4.98 -35.77 4.63
CA ASP A 72 -3.80 -35.08 5.10
C ASP A 72 -3.73 -33.77 4.32
N LEU A 73 -3.86 -32.65 5.02
CA LEU A 73 -3.68 -31.37 4.34
C LEU A 73 -2.28 -31.29 3.76
N ARG A 74 -2.14 -30.47 2.72
CA ARG A 74 -0.83 -30.21 2.10
C ARG A 74 0.23 -29.91 3.16
N GLY A 75 1.37 -30.59 3.05
CA GLY A 75 2.46 -30.43 4.00
C GLY A 75 2.30 -31.16 5.31
N PHE A 76 1.29 -32.03 5.44
CA PHE A 76 1.07 -32.85 6.62
C PHE A 76 1.03 -34.31 6.23
N GLY A 77 1.38 -35.19 7.16
CA GLY A 77 1.16 -36.62 6.94
C GLY A 77 1.90 -37.11 5.71
N GLN A 78 1.19 -37.76 4.79
CA GLN A 78 1.78 -38.28 3.56
C GLN A 78 1.42 -37.45 2.33
N SER A 79 0.83 -36.28 2.51
CA SER A 79 0.61 -35.39 1.39
C SER A 79 1.92 -34.69 1.00
N THR A 80 1.95 -34.17 -0.23
CA THR A 80 3.10 -33.40 -0.69
C THR A 80 3.05 -31.99 -0.10
N TYR A 81 4.13 -31.24 -0.32
CA TYR A 81 4.18 -29.82 -0.03
C TYR A 81 4.99 -29.14 -1.13
N ASN A 82 4.48 -29.19 -2.36
CA ASN A 82 5.26 -28.75 -3.51
C ASN A 82 5.31 -27.23 -3.62
N GLN A 83 4.25 -26.55 -3.20
CA GLN A 83 4.22 -25.10 -3.10
C GLN A 83 3.74 -24.73 -1.71
N SER A 84 4.30 -23.67 -1.16
CA SER A 84 3.91 -23.29 0.19
C SER A 84 2.51 -22.69 0.17
N ILE A 85 1.86 -22.76 1.32
CA ILE A 85 0.61 -22.07 1.53
C ILE A 85 0.89 -20.82 2.33
N ASP A 86 -0.03 -19.86 2.28
CA ASP A 86 0.08 -18.69 3.14
C ASP A 86 -1.26 -18.30 3.76
N SER A 87 -2.30 -19.12 3.61
CA SER A 87 -3.61 -18.81 4.14
C SER A 87 -4.37 -20.10 4.31
N LEU A 88 -5.34 -20.09 5.23
CA LEU A 88 -6.23 -21.24 5.33
C LEU A 88 -7.08 -21.40 4.07
N GLN A 89 -7.26 -20.33 3.31
CA GLN A 89 -7.97 -20.45 2.05
C GLN A 89 -7.21 -21.35 1.06
N ASP A 90 -5.88 -21.35 1.12
CA ASP A 90 -5.14 -22.29 0.28
C ASP A 90 -5.48 -23.73 0.64
N PHE A 91 -5.66 -24.03 1.93
CA PHE A 91 -6.05 -25.39 2.31
C PHE A 91 -7.46 -25.68 1.83
N ALA A 92 -8.36 -24.71 1.94
CA ALA A 92 -9.73 -24.92 1.50
C ALA A 92 -9.79 -25.16 -0.01
N GLU A 93 -8.92 -24.50 -0.77
CA GLU A 93 -8.92 -24.72 -2.20
C GLU A 93 -8.43 -26.12 -2.54
N ASP A 94 -7.47 -26.64 -1.76
CA ASP A 94 -7.04 -28.03 -1.97
C ASP A 94 -8.19 -28.99 -1.72
N VAL A 95 -8.96 -28.76 -0.66
CA VAL A 95 -10.10 -29.61 -0.36
C VAL A 95 -11.11 -29.54 -1.48
N LYS A 96 -11.31 -28.35 -2.05
CA LYS A 96 -12.20 -28.25 -3.21
C LYS A 96 -11.67 -29.08 -4.37
N LEU A 97 -10.39 -28.94 -4.70
CA LEU A 97 -9.84 -29.75 -5.80
C LEU A 97 -9.92 -31.23 -5.49
N PHE A 98 -9.70 -31.60 -4.23
CA PHE A 98 -9.83 -32.98 -3.78
C PHE A 98 -11.23 -33.53 -4.06
N ILE A 99 -12.26 -32.87 -3.53
CA ILE A 99 -13.60 -33.40 -3.71
C ILE A 99 -14.02 -33.33 -5.18
N ASP A 100 -13.47 -32.36 -5.92
CA ASP A 100 -13.70 -32.37 -7.37
C ASP A 100 -13.14 -33.63 -8.01
N GLU A 101 -11.94 -34.04 -7.62
CA GLU A 101 -11.35 -35.24 -8.23
C GLU A 101 -12.14 -36.48 -7.87
N LEU A 102 -12.70 -36.53 -6.66
CA LEU A 102 -13.38 -37.71 -6.16
C LEU A 102 -14.89 -37.66 -6.39
N LYS A 103 -15.37 -36.72 -7.21
CA LYS A 103 -16.79 -36.63 -7.58
C LYS A 103 -17.70 -36.68 -6.36
N LEU A 104 -17.31 -36.00 -5.29
CA LEU A 104 -18.20 -35.90 -4.15
C LEU A 104 -19.15 -34.73 -4.36
N GLU A 105 -20.44 -34.97 -4.17
CA GLU A 105 -21.41 -33.93 -4.47
C GLU A 105 -22.00 -33.27 -3.23
N LYS A 106 -22.14 -33.99 -2.13
CA LYS A 106 -22.81 -33.50 -0.93
C LYS A 106 -22.21 -34.26 0.24
N PHE A 107 -21.69 -33.56 1.24
CA PHE A 107 -21.08 -34.25 2.38
C PHE A 107 -21.23 -33.41 3.64
N SER A 108 -21.09 -34.06 4.79
CA SER A 108 -20.93 -33.34 6.04
C SER A 108 -19.45 -33.15 6.30
N LEU A 109 -19.10 -32.09 7.03
CA LEU A 109 -17.72 -31.66 7.17
C LEU A 109 -17.43 -31.36 8.63
N MET A 110 -16.30 -31.88 9.13
CA MET A 110 -15.89 -31.68 10.52
C MET A 110 -14.41 -31.32 10.55
N GLY A 111 -14.10 -30.19 11.21
CA GLY A 111 -12.72 -29.74 11.35
C GLY A 111 -12.33 -29.55 12.81
N TRP A 112 -11.09 -29.87 13.11
CA TRP A 112 -10.50 -29.78 14.45
C TRP A 112 -9.48 -28.64 14.48
N ALA A 113 -9.70 -27.66 15.36
CA ALA A 113 -8.69 -26.63 15.69
C ALA A 113 -8.39 -25.81 14.44
N MET A 114 -7.14 -25.78 13.92
CA MET A 114 -6.90 -25.10 12.64
C MET A 114 -7.79 -25.67 11.54
N GLY A 115 -8.11 -26.96 11.62
CA GLY A 115 -8.99 -27.56 10.63
C GLY A 115 -10.41 -27.05 10.69
N GLY A 116 -10.83 -26.51 11.83
CA GLY A 116 -12.11 -25.81 11.88
C GLY A 116 -12.10 -24.50 11.10
N GLY A 117 -10.99 -23.77 11.17
CA GLY A 117 -10.84 -22.60 10.31
C GLY A 117 -10.90 -22.97 8.84
N VAL A 118 -10.15 -24.01 8.44
CA VAL A 118 -10.22 -24.49 7.06
C VAL A 118 -11.66 -24.88 6.69
N ALA A 119 -12.35 -25.60 7.59
CA ALA A 119 -13.73 -26.03 7.31
C ALA A 119 -14.68 -24.85 7.20
N MET A 120 -14.53 -23.86 8.08
CA MET A 120 -15.33 -22.63 7.96
C MET A 120 -15.08 -21.97 6.62
N GLN A 121 -13.81 -21.83 6.23
CA GLN A 121 -13.47 -21.15 4.99
C GLN A 121 -14.01 -21.93 3.78
N PHE A 122 -13.89 -23.26 3.83
CA PHE A 122 -14.45 -24.08 2.76
C PHE A 122 -15.95 -23.88 2.65
N THR A 123 -16.66 -23.92 3.79
CA THR A 123 -18.11 -23.87 3.79
C THR A 123 -18.63 -22.51 3.34
N ALA A 124 -17.92 -21.44 3.71
CA ALA A 124 -18.31 -20.13 3.22
C ALA A 124 -18.15 -20.05 1.70
N ASN A 125 -17.12 -20.70 1.17
CA ASN A 125 -16.78 -20.61 -0.24
C ASN A 125 -17.55 -21.59 -1.12
N HIS A 126 -17.98 -22.72 -0.57
CA HIS A 126 -18.60 -23.80 -1.35
C HIS A 126 -19.89 -24.27 -0.70
N PRO A 127 -20.88 -23.37 -0.59
CA PRO A 127 -22.11 -23.71 0.18
C PRO A 127 -22.91 -24.87 -0.39
N THR A 128 -22.88 -25.08 -1.71
CA THR A 128 -23.67 -26.15 -2.31
C THR A 128 -23.15 -27.54 -1.99
N PHE A 129 -21.99 -27.67 -1.35
CA PHE A 129 -21.43 -28.98 -1.06
C PHE A 129 -21.60 -29.43 0.39
N VAL A 130 -21.83 -28.51 1.33
CA VAL A 130 -21.77 -28.84 2.74
C VAL A 130 -23.20 -28.95 3.27
N GLU A 131 -23.57 -30.16 3.70
CA GLU A 131 -24.86 -30.39 4.33
C GLU A 131 -24.85 -29.90 5.77
N LYS A 132 -23.86 -30.37 6.54
CA LYS A 132 -23.69 -30.06 7.95
C LYS A 132 -22.23 -29.76 8.21
N LEU A 133 -21.99 -28.85 9.13
CA LEU A 133 -20.64 -28.45 9.54
C LEU A 133 -20.49 -28.68 11.04
N ILE A 134 -19.42 -29.34 11.46
CA ILE A 134 -19.11 -29.53 12.88
C ILE A 134 -17.72 -28.95 13.15
N LEU A 135 -17.64 -28.02 14.08
CA LEU A 135 -16.38 -27.39 14.44
C LEU A 135 -15.97 -27.91 15.81
N VAL A 136 -14.77 -28.48 15.89
CA VAL A 136 -14.28 -29.09 17.12
C VAL A 136 -13.07 -28.29 17.59
N GLU A 137 -13.24 -27.55 18.68
CA GLU A 137 -12.18 -26.71 19.23
C GLU A 137 -11.57 -25.82 18.15
N SER A 138 -12.43 -25.28 17.29
CA SER A 138 -11.97 -24.52 16.15
C SER A 138 -11.23 -23.26 16.58
N VAL A 139 -10.22 -22.88 15.80
CA VAL A 139 -9.66 -21.53 15.84
C VAL A 139 -10.80 -20.55 15.66
N GLY A 140 -10.67 -19.37 16.28
CA GLY A 140 -11.69 -18.35 16.20
C GLY A 140 -11.74 -17.59 14.87
N MET A 141 -12.75 -16.75 14.74
CA MET A 141 -13.03 -16.10 13.46
C MET A 141 -12.02 -15.00 13.14
N LYS A 142 -11.25 -14.54 14.13
CA LYS A 142 -10.16 -13.60 13.92
C LYS A 142 -8.79 -14.26 14.02
N GLY A 143 -8.73 -15.58 13.89
CA GLY A 143 -7.45 -16.26 13.88
C GLY A 143 -6.87 -16.44 15.27
N TYR A 144 -5.55 -16.64 15.28
CA TYR A 144 -4.80 -17.07 16.46
C TYR A 144 -3.47 -16.32 16.44
N PRO A 145 -3.33 -15.26 17.24
CA PRO A 145 -2.12 -14.44 17.17
C PRO A 145 -0.95 -15.05 17.92
N ILE A 146 0.24 -14.56 17.57
CA ILE A 146 1.49 -14.94 18.24
C ILE A 146 2.13 -13.67 18.76
N PHE A 147 2.59 -13.69 20.01
CA PHE A 147 3.26 -12.52 20.59
C PHE A 147 4.76 -12.76 20.67
N LYS A 148 5.52 -11.66 20.65
CA LYS A 148 6.91 -11.75 21.04
C LYS A 148 7.03 -12.27 22.47
N LYS A 149 8.17 -12.88 22.80
CA LYS A 149 8.37 -13.49 24.10
C LYS A 149 9.41 -12.70 24.89
N ASP A 150 9.17 -12.54 26.20
CA ASP A 150 10.15 -11.88 27.07
C ASP A 150 11.24 -12.88 27.47
N THR A 151 12.16 -12.46 28.34
CA THR A 151 13.27 -13.31 28.75
C THR A 151 12.85 -14.52 29.60
N ASN A 152 11.63 -14.55 30.13
CA ASN A 152 11.12 -15.78 30.75
C ASN A 152 10.39 -16.68 29.78
N GLY A 153 10.34 -16.31 28.50
CA GLY A 153 9.62 -17.08 27.51
C GLY A 153 8.12 -16.88 27.49
N GLN A 154 7.60 -15.81 28.18
CA GLN A 154 6.21 -15.40 28.33
C GLN A 154 5.81 -14.40 27.25
N PRO A 155 4.55 -14.42 26.82
CA PRO A 155 4.11 -13.46 25.80
C PRO A 155 4.19 -12.03 26.30
N ILE A 156 4.61 -11.12 25.42
CA ILE A 156 4.51 -9.69 25.61
C ILE A 156 3.24 -9.27 24.89
N VAL A 157 2.16 -9.02 25.64
CA VAL A 157 0.83 -9.09 25.03
C VAL A 157 0.42 -7.80 24.34
N SER A 158 1.32 -6.83 24.25
CA SER A 158 1.12 -5.68 23.36
C SER A 158 2.11 -5.67 22.21
N SER A 159 2.78 -6.78 21.94
CA SER A 159 3.79 -6.86 20.88
C SER A 159 3.44 -8.06 20.00
N LEU A 160 2.79 -7.77 18.87
CA LEU A 160 2.19 -8.77 17.99
C LEU A 160 3.13 -9.14 16.86
N VAL A 161 3.22 -10.43 16.57
CA VAL A 161 3.97 -10.88 15.39
C VAL A 161 3.05 -10.74 14.17
N LYS A 162 3.62 -10.26 13.05
CA LYS A 162 2.82 -9.90 11.89
C LYS A 162 3.33 -10.45 10.57
N THR A 163 4.50 -11.07 10.54
CA THR A 163 5.10 -11.51 9.29
C THR A 163 5.64 -12.92 9.47
N LYS A 164 5.81 -13.61 8.34
CA LYS A 164 6.37 -14.95 8.36
C LYS A 164 7.79 -14.94 8.89
N GLU A 165 8.54 -13.87 8.61
CA GLU A 165 9.94 -13.82 9.02
C GLU A 165 10.06 -13.71 10.54
N GLU A 166 9.20 -12.90 11.17
CA GLU A 166 9.17 -12.84 12.63
C GLU A 166 8.81 -14.19 13.23
N ILE A 167 7.79 -14.86 12.68
CA ILE A 167 7.40 -16.15 13.22
C ILE A 167 8.59 -17.10 13.25
N ALA A 168 9.38 -17.11 12.16
CA ALA A 168 10.55 -17.99 12.08
C ALA A 168 11.57 -17.69 13.18
N GLN A 169 11.56 -16.47 13.71
CA GLN A 169 12.52 -16.06 14.74
C GLN A 169 12.06 -16.36 16.17
N ASP A 170 10.85 -16.91 16.36
CA ASP A 170 10.33 -17.09 17.72
C ASP A 170 11.06 -18.22 18.43
N PRO A 171 11.75 -17.95 19.54
CA PRO A 171 12.60 -18.96 20.17
C PRO A 171 11.91 -19.89 21.16
N VAL A 172 10.62 -19.69 21.44
CA VAL A 172 9.89 -20.50 22.40
C VAL A 172 8.82 -21.35 21.70
N GLN A 173 7.98 -20.70 20.90
CA GLN A 173 6.83 -21.32 20.29
C GLN A 173 7.17 -22.04 18.99
N ILE A 174 8.20 -21.59 18.29
CA ILE A 174 8.40 -21.99 16.90
C ILE A 174 9.71 -22.74 16.70
N ALA A 175 10.83 -22.09 17.03
CA ALA A 175 12.12 -22.73 16.80
C ALA A 175 12.26 -24.10 17.46
N PRO A 176 11.83 -24.34 18.70
CA PRO A 176 12.01 -25.69 19.28
C PRO A 176 11.15 -26.73 18.59
N VAL A 177 10.06 -26.33 17.96
CA VAL A 177 9.24 -27.27 17.17
C VAL A 177 9.99 -27.68 15.91
N LEU A 178 10.57 -26.70 15.21
CA LEU A 178 11.37 -27.02 14.02
C LEU A 178 12.54 -27.93 14.37
N ASP A 179 13.26 -27.60 15.47
CA ASP A 179 14.37 -28.44 15.87
C ASP A 179 13.90 -29.85 16.24
N ALA A 180 12.75 -29.94 16.91
CA ALA A 180 12.21 -31.25 17.27
C ALA A 180 11.88 -32.06 16.03
N ILE A 181 11.30 -31.42 15.02
CA ILE A 181 11.01 -32.10 13.76
C ILE A 181 12.29 -32.59 13.12
N LYS A 182 13.29 -31.71 13.01
CA LYS A 182 14.50 -32.12 12.33
C LYS A 182 15.24 -33.21 13.11
N ASN A 183 15.08 -33.24 14.43
CA ASN A 183 15.81 -34.19 15.26
C ASN A 183 14.96 -35.39 15.67
N MET A 184 13.74 -35.52 15.12
CA MET A 184 12.84 -36.62 15.48
C MET A 184 12.65 -36.70 17.00
N ASN A 185 12.57 -35.55 17.65
CA ASN A 185 12.53 -35.49 19.10
C ASN A 185 11.09 -35.70 19.56
N LYS A 186 10.73 -36.96 19.82
CA LYS A 186 9.36 -37.23 20.25
C LYS A 186 9.12 -36.74 21.68
N LEU A 187 10.14 -36.79 22.52
CA LEU A 187 9.99 -36.41 23.92
C LEU A 187 9.58 -34.94 24.04
N TYR A 188 10.07 -34.10 23.13
CA TYR A 188 9.65 -32.70 23.13
C TYR A 188 8.15 -32.59 22.97
N TYR A 189 7.59 -33.25 21.95
CA TYR A 189 6.15 -33.18 21.68
C TYR A 189 5.33 -33.80 22.80
N ARG A 190 5.82 -34.90 23.37
CA ARG A 190 5.12 -35.50 24.51
C ARG A 190 5.03 -34.51 25.67
N THR A 191 6.13 -33.81 25.96
CA THR A 191 6.13 -32.82 27.03
C THR A 191 5.13 -31.71 26.75
N VAL A 192 5.12 -31.19 25.52
CA VAL A 192 4.22 -30.09 25.17
C VAL A 192 2.76 -30.56 25.25
N TRP A 193 2.46 -31.71 24.66
CA TRP A 193 1.07 -32.15 24.63
C TRP A 193 0.58 -32.52 26.02
N ASN A 194 1.44 -33.12 26.84
CA ASN A 194 1.06 -33.39 28.22
C ASN A 194 0.76 -32.11 28.99
N LEU A 195 1.48 -31.03 28.69
CA LEU A 195 1.30 -29.79 29.44
C LEU A 195 0.04 -29.03 29.04
N LEU A 196 -0.39 -29.13 27.78
CA LEU A 196 -1.45 -28.27 27.27
C LEU A 196 -2.70 -29.01 26.81
N ILE A 197 -2.65 -30.31 26.56
CA ILE A 197 -3.78 -31.00 25.97
C ILE A 197 -4.13 -32.26 26.76
N TYR A 198 -3.16 -33.15 26.91
CA TYR A 198 -3.32 -34.38 27.69
C TYR A 198 -3.02 -34.14 29.17
N THR A 199 -3.69 -33.15 29.74
CA THR A 199 -3.43 -32.74 31.12
C THR A 199 -4.14 -33.63 32.12
N HIS A 200 -5.28 -34.18 31.75
CA HIS A 200 -6.05 -35.06 32.63
C HIS A 200 -6.11 -36.49 32.12
N ASN A 201 -6.04 -36.69 30.80
CA ASN A 201 -6.10 -38.00 30.17
C ASN A 201 -5.09 -38.05 29.03
N GLN A 202 -4.47 -39.20 28.84
CA GLN A 202 -3.52 -39.46 27.76
C GLN A 202 -4.06 -40.55 26.85
N PRO A 203 -3.70 -40.57 25.56
CA PRO A 203 -4.02 -41.74 24.76
C PRO A 203 -3.31 -42.96 25.31
N GLU A 204 -3.81 -44.13 24.93
CA GLU A 204 -3.12 -45.37 25.24
C GLU A 204 -1.72 -45.36 24.61
N PRO A 205 -0.73 -45.98 25.27
CA PRO A 205 0.68 -45.81 24.85
C PRO A 205 0.97 -46.07 23.37
N ASP A 206 0.44 -47.15 22.80
CA ASP A 206 0.67 -47.42 21.38
C ASP A 206 0.06 -46.33 20.51
N ARG A 207 -1.12 -45.84 20.89
CA ARG A 207 -1.75 -44.77 20.13
C ARG A 207 -0.97 -43.47 20.26
N TYR A 208 -0.47 -43.18 21.47
CA TYR A 208 0.30 -41.94 21.65
C TYR A 208 1.56 -41.96 20.78
N GLU A 209 2.25 -43.11 20.72
CA GLU A 209 3.44 -43.23 19.87
C GLU A 209 3.11 -42.96 18.41
N LYS A 210 2.02 -43.54 17.92
CA LYS A 210 1.54 -43.24 16.57
C LYS A 210 1.30 -41.74 16.39
N TYR A 211 0.68 -41.11 17.38
CA TYR A 211 0.44 -39.66 17.31
C TYR A 211 1.74 -38.88 17.26
N LEU A 212 2.70 -39.25 18.12
CA LEU A 212 3.98 -38.55 18.12
C LEU A 212 4.70 -38.71 16.79
N ASP A 213 4.64 -39.90 16.20
CA ASP A 213 5.21 -40.10 14.87
C ASP A 213 4.49 -39.24 13.85
N ASP A 214 3.18 -39.07 14.04
CA ASP A 214 2.37 -38.23 13.16
C ASP A 214 2.82 -36.77 13.25
N MET A 215 3.15 -36.29 14.45
CA MET A 215 3.55 -34.90 14.60
C MET A 215 4.82 -34.61 13.82
N LEU A 216 5.70 -35.61 13.71
CA LEU A 216 6.99 -35.40 13.07
C LEU A 216 6.90 -35.34 11.54
N THR A 217 5.72 -35.57 10.94
CA THR A 217 5.56 -35.50 9.50
C THR A 217 5.26 -34.09 8.99
N GLN A 218 5.08 -33.13 9.89
CA GLN A 218 4.71 -31.79 9.46
C GLN A 218 5.91 -31.09 8.80
N ARG A 219 5.66 -30.46 7.65
CA ARG A 219 6.72 -29.80 6.92
C ARG A 219 6.44 -28.33 6.67
N ASN A 220 5.39 -27.79 7.27
CA ASN A 220 4.90 -26.46 6.92
C ASN A 220 4.61 -25.63 8.17
N PHE A 221 5.34 -25.88 9.26
CA PHE A 221 4.93 -25.34 10.55
C PHE A 221 4.95 -23.82 10.54
N VAL A 222 5.99 -23.23 9.94
CA VAL A 222 6.05 -21.77 9.90
C VAL A 222 4.90 -21.22 9.05
N ASP A 223 4.67 -21.81 7.87
CA ASP A 223 3.62 -21.33 6.98
C ASP A 223 2.25 -21.44 7.64
N VAL A 224 2.00 -22.53 8.37
CA VAL A 224 0.71 -22.71 9.01
C VAL A 224 0.49 -21.67 10.10
N ASN A 225 1.53 -21.39 10.88
CA ASN A 225 1.41 -20.34 11.88
C ASN A 225 1.12 -18.98 11.24
N TYR A 226 1.78 -18.67 10.12
CA TYR A 226 1.47 -17.43 9.42
C TYR A 226 0.03 -17.41 8.95
N ALA A 227 -0.44 -18.52 8.36
CA ALA A 227 -1.83 -18.58 7.93
C ALA A 227 -2.79 -18.36 9.10
N LEU A 228 -2.41 -18.77 10.31
CA LEU A 228 -3.28 -18.63 11.47
C LEU A 228 -3.33 -17.19 11.99
N ILE A 229 -2.20 -16.48 11.96
CA ILE A 229 -2.25 -15.10 12.47
C ILE A 229 -2.97 -14.18 11.50
N THR A 230 -3.07 -14.55 10.22
CA THR A 230 -3.75 -13.74 9.22
C THR A 230 -5.15 -14.26 8.88
N PHE A 231 -5.63 -15.27 9.60
CA PHE A 231 -6.98 -15.79 9.37
C PHE A 231 -7.99 -14.83 9.99
N ASN A 232 -8.91 -14.31 9.18
CA ASN A 232 -9.85 -13.31 9.70
C ASN A 232 -11.06 -13.26 8.76
N ILE A 233 -12.09 -14.04 9.12
CA ILE A 233 -13.37 -14.04 8.42
C ILE A 233 -14.40 -13.17 9.12
N SER A 234 -14.00 -12.37 10.11
CA SER A 234 -14.91 -11.49 10.81
C SER A 234 -15.15 -10.20 10.01
N ASP A 235 -15.91 -9.29 10.59
CA ASP A 235 -16.18 -7.97 10.02
C ASP A 235 -15.17 -6.91 10.44
N GLU A 236 -14.19 -7.27 11.28
CA GLU A 236 -13.29 -6.27 11.87
C GLU A 236 -11.84 -6.73 11.74
N HIS A 237 -10.96 -5.73 11.73
CA HIS A 237 -9.52 -5.95 11.79
C HIS A 237 -9.14 -6.70 13.07
N ASN A 238 -8.16 -7.60 12.98
CA ASN A 238 -7.71 -8.37 14.14
C ASN A 238 -6.39 -7.84 14.73
N GLY A 239 -5.97 -6.63 14.36
CA GLY A 239 -4.67 -6.13 14.72
C GLY A 239 -3.57 -6.44 13.72
N VAL A 240 -3.77 -7.44 12.87
CA VAL A 240 -2.80 -7.79 11.83
C VAL A 240 -3.39 -7.57 10.42
N VAL A 241 -4.60 -8.06 10.16
CA VAL A 241 -5.23 -8.00 8.84
C VAL A 241 -6.69 -7.62 9.00
N GLY A 242 -7.25 -7.05 7.93
CA GLY A 242 -8.68 -6.78 7.92
C GLY A 242 -9.49 -8.06 7.79
N GLY A 243 -10.77 -7.97 8.14
CA GLY A 243 -11.65 -9.13 8.11
C GLY A 243 -12.38 -9.26 6.79
N SER A 244 -12.53 -10.51 6.34
CA SER A 244 -13.16 -10.78 5.05
C SER A 244 -14.68 -10.78 5.07
N LYS A 245 -15.32 -10.78 6.26
CA LYS A 245 -16.77 -10.80 6.44
C LYS A 245 -17.40 -12.11 6.01
N GLN A 246 -16.59 -13.12 5.68
CA GLN A 246 -17.13 -14.34 5.10
C GLN A 246 -17.80 -15.26 6.11
N ILE A 247 -17.70 -14.96 7.41
CA ILE A 247 -18.42 -15.79 8.39
C ILE A 247 -19.92 -15.71 8.15
N HIS A 248 -20.40 -14.59 7.59
CA HIS A 248 -21.82 -14.42 7.30
C HIS A 248 -22.31 -15.32 6.18
N ARG A 249 -21.42 -15.95 5.43
CA ARG A 249 -21.80 -16.82 4.35
C ARG A 249 -21.87 -18.29 4.75
N ILE A 250 -21.68 -18.61 6.03
CA ILE A 250 -21.65 -20.01 6.47
C ILE A 250 -23.08 -20.37 6.86
N LYS A 251 -23.85 -20.85 5.89
CA LYS A 251 -25.28 -21.12 6.11
C LYS A 251 -25.58 -22.56 6.50
N ALA A 252 -24.61 -23.46 6.39
CA ALA A 252 -24.82 -24.84 6.81
C ALA A 252 -25.19 -24.89 8.28
N PRO A 253 -26.06 -25.82 8.68
CA PRO A 253 -26.28 -26.06 10.12
C PRO A 253 -24.97 -26.43 10.79
N THR A 254 -24.51 -25.58 11.70
CA THR A 254 -23.19 -25.71 12.29
C THR A 254 -23.28 -26.03 13.76
N LEU A 255 -22.55 -27.05 14.18
CA LEU A 255 -22.43 -27.39 15.59
C LEU A 255 -21.03 -26.99 16.06
N VAL A 256 -20.98 -26.13 17.06
CA VAL A 256 -19.72 -25.64 17.61
C VAL A 256 -19.46 -26.43 18.89
N ILE A 257 -18.44 -27.28 18.87
CA ILE A 257 -18.04 -28.06 20.04
C ILE A 257 -16.87 -27.35 20.69
N GLN A 258 -16.94 -27.19 22.02
CA GLN A 258 -15.93 -26.44 22.73
C GLN A 258 -15.72 -27.06 24.11
N GLY A 259 -14.47 -27.30 24.47
CA GLY A 259 -14.18 -27.87 25.77
C GLY A 259 -14.14 -26.82 26.85
N ASP A 260 -14.52 -27.22 28.07
CA ASP A 260 -14.53 -26.28 29.18
C ASP A 260 -13.15 -26.05 29.78
N ARG A 261 -12.16 -26.88 29.45
CA ARG A 261 -10.80 -26.67 29.94
C ARG A 261 -9.80 -26.80 28.81
N ASP A 262 -10.19 -26.39 27.61
CA ASP A 262 -9.28 -26.35 26.47
C ASP A 262 -8.28 -25.23 26.70
N TYR A 263 -7.01 -25.58 26.92
CA TYR A 263 -5.95 -24.61 27.18
C TYR A 263 -5.31 -24.07 25.90
N VAL A 264 -5.64 -24.64 24.75
CA VAL A 264 -5.18 -24.12 23.47
C VAL A 264 -6.19 -23.18 22.84
N VAL A 265 -7.46 -23.57 22.85
CA VAL A 265 -8.55 -22.76 22.34
C VAL A 265 -9.54 -22.55 23.48
N PRO A 266 -9.46 -21.41 24.17
CA PRO A 266 -10.32 -21.17 25.33
C PRO A 266 -11.80 -21.12 24.97
N GLN A 267 -12.62 -21.32 26.00
CA GLN A 267 -14.07 -21.44 25.81
C GLN A 267 -14.67 -20.21 25.14
N VAL A 268 -14.14 -19.02 25.44
CA VAL A 268 -14.71 -17.81 24.84
C VAL A 268 -14.63 -17.85 23.33
N VAL A 269 -13.70 -18.62 22.78
CA VAL A 269 -13.55 -18.69 21.32
C VAL A 269 -14.76 -19.35 20.69
N GLY A 270 -15.13 -20.54 21.19
CA GLY A 270 -16.33 -21.21 20.70
C GLY A 270 -17.59 -20.38 20.91
N GLU A 271 -17.69 -19.68 22.03
CA GLU A 271 -18.87 -18.86 22.28
C GLU A 271 -19.00 -17.76 21.23
N GLU A 272 -17.87 -17.19 20.80
CA GLU A 272 -17.93 -16.13 19.79
C GLU A 272 -18.23 -16.70 18.42
N LEU A 273 -17.73 -17.90 18.12
CA LEU A 273 -18.09 -18.53 16.85
C LEU A 273 -19.59 -18.74 16.76
N ALA A 274 -20.18 -19.30 17.83
CA ALA A 274 -21.62 -19.54 17.82
C ALA A 274 -22.41 -18.24 17.77
N LYS A 275 -21.83 -17.16 18.29
CA LYS A 275 -22.53 -15.87 18.24
C LYS A 275 -22.57 -15.34 16.81
N HIS A 276 -21.47 -15.47 16.09
CA HIS A 276 -21.34 -14.82 14.79
C HIS A 276 -21.70 -15.70 13.61
N LEU A 277 -21.77 -17.01 13.77
CA LEU A 277 -22.21 -17.87 12.68
C LEU A 277 -23.70 -17.68 12.42
N PRO A 278 -24.14 -17.74 11.16
CA PRO A 278 -25.57 -17.52 10.89
C PRO A 278 -26.48 -18.62 11.44
N ASN A 279 -26.04 -19.88 11.51
CA ASN A 279 -26.94 -21.01 11.74
C ASN A 279 -26.22 -22.07 12.60
N ALA A 280 -26.03 -21.75 13.88
CA ALA A 280 -25.10 -22.50 14.70
C ALA A 280 -25.70 -22.80 16.07
N GLU A 281 -25.28 -23.92 16.64
CA GLU A 281 -25.58 -24.30 18.01
C GLU A 281 -24.26 -24.58 18.73
N LEU A 282 -24.19 -24.19 19.99
CA LEU A 282 -22.97 -24.33 20.77
C LEU A 282 -23.15 -25.43 21.81
N LYS A 283 -22.22 -26.37 21.87
CA LYS A 283 -22.19 -27.33 22.96
C LYS A 283 -20.81 -27.29 23.61
N VAL A 284 -20.77 -26.83 24.86
CA VAL A 284 -19.56 -26.84 25.66
C VAL A 284 -19.48 -28.16 26.41
N LEU A 285 -18.40 -28.90 26.20
CA LEU A 285 -18.24 -30.23 26.78
C LEU A 285 -17.65 -30.12 28.18
N GLU A 286 -18.31 -30.77 29.15
CA GLU A 286 -17.82 -30.76 30.52
C GLU A 286 -16.59 -31.64 30.66
N ASP A 287 -15.63 -31.17 31.46
CA ASP A 287 -14.36 -31.89 31.70
C ASP A 287 -13.71 -32.30 30.38
N CYS A 288 -13.46 -31.31 29.55
CA CYS A 288 -12.95 -31.55 28.21
C CYS A 288 -11.95 -30.46 27.87
N GLY A 289 -10.80 -30.88 27.34
CA GLY A 289 -9.79 -29.97 26.84
C GLY A 289 -9.73 -29.96 25.32
N HIS A 290 -8.54 -29.72 24.77
CA HIS A 290 -8.40 -29.56 23.33
C HIS A 290 -8.64 -30.87 22.59
N SER A 291 -8.61 -32.02 23.26
CA SER A 291 -8.89 -33.28 22.59
C SER A 291 -10.10 -33.94 23.24
N PRO A 292 -11.30 -33.72 22.70
CA PRO A 292 -12.47 -34.49 23.17
C PRO A 292 -12.33 -35.96 22.85
N PHE A 293 -11.55 -36.30 21.82
CA PHE A 293 -11.31 -37.70 21.45
C PHE A 293 -10.68 -38.47 22.59
N ILE A 294 -9.85 -37.81 23.39
CA ILE A 294 -9.17 -38.47 24.50
C ILE A 294 -9.93 -38.24 25.80
N ASP A 295 -10.51 -37.05 25.97
CA ASP A 295 -11.16 -36.73 27.24
C ASP A 295 -12.56 -37.33 27.37
N CYS A 296 -13.33 -37.37 26.29
CA CYS A 296 -14.70 -37.86 26.42
C CYS A 296 -15.26 -38.32 25.08
N LEU A 297 -14.71 -39.42 24.54
CA LEU A 297 -15.03 -39.81 23.17
C LEU A 297 -16.51 -40.11 23.02
N ASP A 298 -17.08 -40.92 23.93
CA ASP A 298 -18.44 -41.40 23.72
C ASP A 298 -19.46 -40.28 23.82
N VAL A 299 -19.24 -39.32 24.72
CA VAL A 299 -20.11 -38.14 24.78
C VAL A 299 -19.96 -37.32 23.50
N PHE A 300 -18.72 -37.12 23.06
CA PHE A 300 -18.48 -36.39 21.81
C PHE A 300 -19.15 -37.08 20.63
N ILE A 301 -18.97 -38.39 20.51
CA ILE A 301 -19.54 -39.12 19.38
C ILE A 301 -21.07 -39.04 19.42
N LYS A 302 -21.67 -39.13 20.60
CA LYS A 302 -23.12 -38.99 20.71
C LYS A 302 -23.60 -37.66 20.13
N HIS A 303 -22.88 -36.57 20.43
CA HIS A 303 -23.26 -35.27 19.91
C HIS A 303 -23.12 -35.22 18.40
N VAL A 304 -22.03 -35.78 17.87
CA VAL A 304 -21.78 -35.76 16.44
C VAL A 304 -22.84 -36.57 15.71
N GLU A 305 -23.19 -37.75 16.24
CA GLU A 305 -24.20 -38.58 15.58
C GLU A 305 -25.56 -37.88 15.58
N ASP A 306 -25.91 -37.20 16.67
CA ASP A 306 -27.19 -36.51 16.72
C ASP A 306 -27.25 -35.37 15.72
N TRP A 307 -26.15 -34.62 15.59
CA TRP A 307 -26.09 -33.54 14.61
C TRP A 307 -26.25 -34.08 13.20
N LEU A 308 -25.47 -35.11 12.86
CA LEU A 308 -25.49 -35.63 11.50
C LEU A 308 -26.84 -36.23 11.14
N GLU A 309 -27.50 -36.86 12.11
CA GLU A 309 -28.77 -37.55 11.86
C GLU A 309 -29.97 -36.61 11.81
N GLN A 310 -29.83 -35.37 12.25
CA GLN A 310 -30.94 -34.43 12.26
C GLN A 310 -31.46 -34.14 10.85
N PRO B 15 18.17 14.62 40.79
CA PRO B 15 17.02 15.21 40.09
C PRO B 15 17.30 16.67 39.75
N ALA B 16 17.36 16.98 38.45
CA ALA B 16 17.79 18.30 38.03
C ALA B 16 16.76 19.36 38.40
N THR B 17 17.23 20.55 38.73
CA THR B 17 16.34 21.68 38.91
C THR B 17 15.69 22.04 37.58
N MET B 18 14.42 22.40 37.64
CA MET B 18 13.59 22.56 36.45
C MET B 18 13.27 24.02 36.22
N GLU B 19 13.22 24.41 34.95
CA GLU B 19 12.59 25.65 34.51
C GLU B 19 11.12 25.38 34.24
N PHE B 20 10.33 26.45 34.25
CA PHE B 20 8.89 26.36 34.01
C PHE B 20 8.47 27.42 33.01
N VAL B 21 7.54 27.05 32.12
CA VAL B 21 6.98 28.02 31.20
C VAL B 21 5.46 27.79 31.13
N SER B 22 4.70 28.87 31.29
CA SER B 22 3.24 28.83 31.22
C SER B 22 2.80 29.02 29.77
N LEU B 23 1.95 28.13 29.28
CA LEU B 23 1.51 28.16 27.90
C LEU B 23 0.08 28.68 27.82
N SER B 24 -0.28 29.20 26.65
CA SER B 24 -1.57 29.86 26.49
C SER B 24 -2.75 28.91 26.53
N ASN B 25 -2.52 27.60 26.57
CA ASN B 25 -3.62 26.65 26.71
C ASN B 25 -3.87 26.27 28.16
N GLY B 26 -3.31 27.03 29.11
CA GLY B 26 -3.54 26.81 30.51
C GLY B 26 -2.59 25.84 31.18
N GLU B 27 -1.68 25.21 30.45
CA GLU B 27 -0.73 24.28 31.04
C GLU B 27 0.59 24.98 31.36
N THR B 28 1.30 24.45 32.35
CA THR B 28 2.64 24.89 32.72
C THR B 28 3.61 23.72 32.53
N ILE B 29 4.58 23.90 31.64
CA ILE B 29 5.49 22.85 31.21
C ILE B 29 6.81 23.03 31.94
N ALA B 30 7.27 22.00 32.63
CA ALA B 30 8.59 21.99 33.23
C ALA B 30 9.59 21.50 32.20
N TYR B 31 10.81 22.04 32.27
CA TYR B 31 11.85 21.62 31.34
C TYR B 31 13.23 21.89 31.92
N GLN B 32 14.21 21.10 31.46
CA GLN B 32 15.61 21.36 31.74
C GLN B 32 16.21 22.13 30.58
N GLU B 33 17.08 23.09 30.89
CA GLU B 33 17.76 23.85 29.85
C GLU B 33 19.23 23.95 30.22
N VAL B 34 20.10 23.46 29.34
CA VAL B 34 21.54 23.54 29.54
C VAL B 34 22.21 23.96 28.23
N GLY B 35 23.49 24.27 28.31
CA GLY B 35 24.22 24.66 27.12
C GLY B 35 23.74 25.97 26.50
N ARG B 36 23.33 26.94 27.33
CA ARG B 36 22.75 28.17 26.80
C ARG B 36 23.71 28.97 25.93
N ARG B 37 25.02 28.79 26.05
CA ARG B 37 25.95 29.54 25.23
C ARG B 37 26.31 28.84 23.92
N ASN B 38 25.69 27.70 23.63
CA ASN B 38 25.89 27.02 22.35
C ASN B 38 24.81 27.44 21.35
N THR B 39 25.16 27.43 20.06
CA THR B 39 24.23 27.95 19.06
C THR B 39 23.26 26.91 18.51
N ASP B 40 23.64 25.63 18.43
CA ASP B 40 22.77 24.63 17.84
C ASP B 40 21.83 24.06 18.90
N ILE B 41 20.53 24.18 18.67
CA ILE B 41 19.51 23.82 19.63
C ILE B 41 19.05 22.38 19.39
N LEU B 42 18.86 21.65 20.49
CA LEU B 42 18.37 20.28 20.49
C LEU B 42 17.19 20.20 21.46
N VAL B 43 16.05 19.71 21.00
CA VAL B 43 14.88 19.50 21.86
C VAL B 43 14.72 18.00 22.07
N LEU B 44 14.62 17.57 23.34
CA LEU B 44 14.48 16.16 23.69
C LEU B 44 13.08 15.87 24.23
N ILE B 45 12.45 14.79 23.77
CA ILE B 45 11.12 14.39 24.22
C ILE B 45 11.19 12.97 24.75
N HIS B 46 10.85 12.78 26.03
CA HIS B 46 10.89 11.47 26.68
C HIS B 46 9.72 10.61 26.22
N GLY B 47 9.64 9.37 26.72
CA GLY B 47 8.55 8.48 26.39
C GLY B 47 7.62 8.23 27.56
N ASN B 48 6.80 7.19 27.43
CA ASN B 48 5.86 6.84 28.49
C ASN B 48 6.61 6.37 29.73
N MET B 49 5.97 6.54 30.89
CA MET B 49 6.50 6.16 32.20
C MET B 49 7.75 6.93 32.58
N THR B 50 8.06 8.05 31.92
CA THR B 50 9.30 8.77 32.19
C THR B 50 9.03 10.27 32.12
N SER B 51 10.03 11.05 32.48
CA SER B 51 10.01 12.48 32.20
C SER B 51 11.37 12.85 31.68
N SER B 52 11.67 14.15 31.65
CA SER B 52 12.96 14.58 31.15
C SER B 52 14.12 14.09 32.01
N GLN B 53 13.86 13.66 33.26
CA GLN B 53 14.93 13.16 34.11
C GLN B 53 15.64 11.96 33.47
N HIS B 54 14.92 11.20 32.66
CA HIS B 54 15.54 10.05 32.00
C HIS B 54 16.49 10.45 30.89
N TRP B 55 16.52 11.71 30.46
CA TRP B 55 17.55 12.18 29.54
C TRP B 55 18.87 12.56 30.23
N ASP B 56 19.05 12.26 31.52
CA ASP B 56 20.19 12.81 32.26
C ASP B 56 21.53 12.44 31.63
N LEU B 57 21.70 11.17 31.25
CA LEU B 57 22.98 10.72 30.72
C LEU B 57 23.28 11.33 29.35
N VAL B 58 22.26 11.45 28.51
CA VAL B 58 22.41 12.08 27.21
C VAL B 58 22.70 13.58 27.36
N ILE B 59 22.01 14.24 28.30
CA ILE B 59 22.22 15.67 28.53
C ILE B 59 23.68 15.95 28.91
N GLU B 60 24.24 15.13 29.83
CA GLU B 60 25.62 15.32 30.25
C GLU B 60 26.59 15.17 29.08
N LYS B 61 26.31 14.25 28.16
CA LYS B 61 27.22 14.03 27.03
C LYS B 61 27.12 15.11 25.97
N LEU B 62 25.96 15.75 25.81
CA LEU B 62 25.72 16.67 24.69
C LEU B 62 25.73 18.14 25.07
N GLN B 63 25.74 18.46 26.36
CA GLN B 63 25.51 19.86 26.75
C GLN B 63 26.71 20.75 26.44
N ASP B 64 27.90 20.19 26.22
CA ASP B 64 29.04 21.02 25.84
C ASP B 64 28.96 21.53 24.41
N GLN B 65 28.23 20.85 23.53
CA GLN B 65 28.17 21.27 22.15
C GLN B 65 26.79 21.74 21.69
N TYR B 66 25.75 21.50 22.48
CA TYR B 66 24.38 21.84 22.08
C TYR B 66 23.69 22.61 23.18
N HIS B 67 22.71 23.43 22.76
CA HIS B 67 21.79 24.12 23.65
C HIS B 67 20.54 23.26 23.76
N ILE B 68 20.36 22.60 24.90
CA ILE B 68 19.41 21.49 25.03
C ILE B 68 18.21 21.96 25.85
N TYR B 69 17.01 21.68 25.33
CA TYR B 69 15.77 21.82 26.09
C TYR B 69 15.17 20.42 26.21
N ALA B 70 15.01 19.92 27.44
CA ALA B 70 14.40 18.61 27.67
C ALA B 70 13.10 18.82 28.46
N LEU B 71 11.95 18.62 27.81
CA LEU B 71 10.65 18.96 28.38
C LEU B 71 10.06 17.79 29.14
N ASP B 72 9.29 18.10 30.20
CA ASP B 72 8.34 17.16 30.78
C ASP B 72 7.01 17.36 30.05
N LEU B 73 6.55 16.34 29.34
CA LEU B 73 5.28 16.49 28.62
C LEU B 73 4.15 16.63 29.64
N ARG B 74 3.00 17.13 29.16
CA ARG B 74 1.84 17.34 30.02
C ARG B 74 1.49 16.08 30.80
N GLY B 75 1.34 16.21 32.11
CA GLY B 75 1.01 15.07 32.96
C GLY B 75 2.19 14.21 33.37
N PHE B 76 3.41 14.60 33.08
CA PHE B 76 4.63 13.88 33.43
C PHE B 76 5.52 14.79 34.26
N GLY B 77 6.35 14.19 35.11
CA GLY B 77 7.37 14.95 35.80
C GLY B 77 6.76 16.09 36.58
N GLN B 78 7.27 17.30 36.36
CA GLN B 78 6.81 18.47 37.09
C GLN B 78 5.88 19.34 36.26
N SER B 79 5.41 18.86 35.11
CA SER B 79 4.42 19.59 34.33
C SER B 79 3.01 19.39 34.89
N THR B 80 2.13 20.33 34.58
CA THR B 80 0.73 20.24 34.99
C THR B 80 0.00 19.22 34.11
N TYR B 81 -1.23 18.88 34.53
CA TYR B 81 -2.16 18.12 33.70
C TYR B 81 -3.56 18.69 33.93
N ASN B 82 -3.73 19.96 33.57
CA ASN B 82 -4.98 20.64 33.87
C ASN B 82 -6.11 20.16 32.97
N GLN B 83 -5.79 19.77 31.74
CA GLN B 83 -6.75 19.20 30.82
C GLN B 83 -6.16 17.92 30.23
N SER B 84 -7.04 16.96 29.93
CA SER B 84 -6.56 15.67 29.51
C SER B 84 -6.19 15.70 28.03
N ILE B 85 -5.26 14.82 27.65
CA ILE B 85 -4.90 14.67 26.25
C ILE B 85 -5.65 13.47 25.68
N ASP B 86 -5.76 13.47 24.36
CA ASP B 86 -6.46 12.45 23.60
C ASP B 86 -5.58 11.78 22.56
N SER B 87 -4.42 12.36 22.26
CA SER B 87 -3.62 11.89 21.14
C SER B 87 -2.20 12.38 21.32
N LEU B 88 -1.29 11.80 20.53
CA LEU B 88 0.07 12.31 20.52
C LEU B 88 0.13 13.69 19.87
N GLN B 89 -0.81 13.98 18.98
CA GLN B 89 -0.92 15.33 18.42
C GLN B 89 -1.13 16.38 19.51
N ASP B 90 -1.88 16.02 20.57
CA ASP B 90 -2.06 16.92 21.69
C ASP B 90 -0.72 17.32 22.33
N PHE B 91 0.19 16.36 22.50
CA PHE B 91 1.52 16.68 23.00
C PHE B 91 2.30 17.51 21.99
N ALA B 92 2.17 17.19 20.70
CA ALA B 92 2.87 17.93 19.65
C ALA B 92 2.46 19.40 19.63
N GLU B 93 1.15 19.69 19.77
CA GLU B 93 0.73 21.09 19.81
C GLU B 93 1.26 21.80 21.05
N ASP B 94 1.36 21.10 22.18
CA ASP B 94 2.01 21.65 23.38
C ASP B 94 3.46 22.03 23.07
N VAL B 95 4.18 21.13 22.40
CA VAL B 95 5.55 21.42 22.00
C VAL B 95 5.61 22.67 21.14
N LYS B 96 4.62 22.87 20.24
CA LYS B 96 4.63 24.07 19.42
C LYS B 96 4.42 25.32 20.27
N LEU B 97 3.47 25.29 21.22
CA LEU B 97 3.28 26.43 22.11
C LEU B 97 4.56 26.74 22.88
N PHE B 98 5.21 25.69 23.41
CA PHE B 98 6.48 25.78 24.12
C PHE B 98 7.55 26.50 23.30
N ILE B 99 7.87 25.97 22.11
CA ILE B 99 8.97 26.57 21.37
C ILE B 99 8.60 27.98 20.90
N ASP B 100 7.31 28.23 20.64
CA ASP B 100 6.88 29.59 20.33
C ASP B 100 7.11 30.53 21.52
N GLU B 101 6.69 30.11 22.72
CA GLU B 101 6.85 31.00 23.87
C GLU B 101 8.32 31.28 24.16
N LEU B 102 9.19 30.29 23.93
CA LEU B 102 10.62 30.45 24.16
C LEU B 102 11.38 30.98 22.93
N LYS B 103 10.66 31.22 21.83
CA LYS B 103 11.19 31.93 20.66
C LYS B 103 12.30 31.15 19.97
N LEU B 104 12.17 29.82 19.95
CA LEU B 104 13.07 28.97 19.19
C LEU B 104 12.58 28.89 17.74
N GLU B 105 13.47 29.21 16.80
CA GLU B 105 13.08 29.25 15.40
C GLU B 105 13.48 28.02 14.61
N LYS B 106 14.57 27.35 15.00
CA LYS B 106 15.07 26.18 14.29
C LYS B 106 15.80 25.31 15.28
N PHE B 107 15.54 24.01 15.24
CA PHE B 107 16.18 23.12 16.19
C PHE B 107 16.18 21.71 15.63
N SER B 108 17.08 20.89 16.16
CA SER B 108 16.97 19.45 15.98
C SER B 108 16.11 18.86 17.08
N LEU B 109 15.52 17.71 16.79
CA LEU B 109 14.47 17.17 17.64
C LEU B 109 14.70 15.68 17.81
N MET B 110 14.78 15.20 19.05
CA MET B 110 14.99 13.78 19.33
C MET B 110 13.92 13.28 20.28
N GLY B 111 13.21 12.22 19.88
CA GLY B 111 12.18 11.61 20.72
C GLY B 111 12.46 10.14 21.02
N TRP B 112 12.18 9.75 22.26
CA TRP B 112 12.35 8.37 22.72
C TRP B 112 10.98 7.71 22.85
N ALA B 113 10.80 6.58 22.16
CA ALA B 113 9.65 5.69 22.33
C ALA B 113 8.36 6.46 22.05
N MET B 114 7.40 6.55 22.98
CA MET B 114 6.23 7.39 22.74
C MET B 114 6.64 8.80 22.33
N GLY B 115 7.77 9.30 22.85
CA GLY B 115 8.25 10.61 22.46
C GLY B 115 8.64 10.68 21.01
N GLY B 116 9.05 9.55 20.42
CA GLY B 116 9.26 9.52 18.97
C GLY B 116 7.99 9.78 18.19
N GLY B 117 6.86 9.20 18.64
CA GLY B 117 5.59 9.50 18.01
C GLY B 117 5.22 10.98 18.09
N VAL B 118 5.41 11.59 19.27
CA VAL B 118 5.18 13.03 19.41
C VAL B 118 6.07 13.80 18.44
N ALA B 119 7.35 13.46 18.42
CA ALA B 119 8.31 14.15 17.55
C ALA B 119 7.93 14.02 16.08
N MET B 120 7.48 12.83 15.67
CA MET B 120 7.04 12.64 14.29
C MET B 120 5.83 13.52 13.97
N GLN B 121 4.85 13.53 14.87
CA GLN B 121 3.67 14.36 14.65
C GLN B 121 4.05 15.84 14.57
N PHE B 122 4.91 16.29 15.48
CA PHE B 122 5.36 17.68 15.45
C PHE B 122 6.01 17.99 14.11
N THR B 123 6.91 17.12 13.67
CA THR B 123 7.68 17.39 12.46
C THR B 123 6.79 17.40 11.23
N ALA B 124 5.73 16.57 11.23
CA ALA B 124 4.79 16.60 10.12
C ALA B 124 4.01 17.92 10.10
N ASN B 125 3.68 18.46 11.27
CA ASN B 125 2.87 19.68 11.35
C ASN B 125 3.68 20.96 11.20
N HIS B 126 4.97 20.96 11.54
CA HIS B 126 5.75 22.20 11.62
C HIS B 126 7.10 22.01 10.96
N PRO B 127 7.13 21.71 9.65
CA PRO B 127 8.38 21.31 9.02
C PRO B 127 9.46 22.37 9.05
N THR B 128 9.10 23.66 8.96
CA THR B 128 10.11 24.71 8.90
C THR B 128 10.90 24.88 10.20
N PHE B 129 10.48 24.23 11.30
CA PHE B 129 11.15 24.40 12.58
C PHE B 129 12.14 23.29 12.90
N VAL B 130 12.10 22.18 12.18
CA VAL B 130 12.93 21.02 12.50
C VAL B 130 14.06 20.96 11.51
N GLU B 131 15.30 20.95 12.00
CA GLU B 131 16.46 20.78 11.13
C GLU B 131 16.73 19.30 10.90
N LYS B 132 16.99 18.57 11.97
CA LYS B 132 17.16 17.12 11.92
C LYS B 132 16.20 16.48 12.92
N LEU B 133 15.77 15.26 12.63
CA LEU B 133 14.92 14.49 13.53
C LEU B 133 15.61 13.18 13.87
N ILE B 134 15.56 12.78 15.13
CA ILE B 134 16.15 11.52 15.59
C ILE B 134 15.09 10.76 16.39
N LEU B 135 14.78 9.55 15.97
CA LEU B 135 13.82 8.70 16.66
C LEU B 135 14.57 7.57 17.36
N VAL B 136 14.37 7.45 18.66
CA VAL B 136 15.12 6.52 19.51
C VAL B 136 14.13 5.49 20.03
N GLU B 137 14.21 4.27 19.50
CA GLU B 137 13.24 3.22 19.81
C GLU B 137 11.81 3.74 19.72
N SER B 138 11.51 4.50 18.67
CA SER B 138 10.21 5.15 18.56
C SER B 138 9.07 4.14 18.47
N VAL B 139 7.93 4.51 19.06
CA VAL B 139 6.71 3.76 18.81
C VAL B 139 6.47 3.68 17.31
N GLY B 140 5.87 2.57 16.86
CA GLY B 140 5.69 2.34 15.43
C GLY B 140 4.63 3.26 14.82
N MET B 141 4.62 3.28 13.48
CA MET B 141 3.69 4.14 12.77
C MET B 141 2.24 3.74 12.98
N LYS B 142 1.99 2.55 13.54
CA LYS B 142 0.64 2.06 13.81
C LYS B 142 0.37 1.89 15.31
N GLY B 143 1.20 2.47 16.17
CA GLY B 143 1.00 2.38 17.61
C GLY B 143 1.20 0.95 18.10
N TYR B 144 0.41 0.56 19.10
CA TYR B 144 0.45 -0.83 19.56
C TYR B 144 -0.94 -1.24 20.01
N PRO B 145 -1.24 -2.55 20.03
CA PRO B 145 -2.53 -3.02 20.49
C PRO B 145 -2.58 -3.28 21.98
N ILE B 146 -3.76 -3.14 22.55
CA ILE B 146 -4.07 -3.71 23.86
C ILE B 146 -5.30 -4.59 23.67
N PHE B 147 -5.18 -5.87 24.05
CA PHE B 147 -6.30 -6.81 23.95
C PHE B 147 -7.09 -6.84 25.24
N LYS B 148 -8.41 -6.91 25.12
CA LYS B 148 -9.23 -7.22 26.29
C LYS B 148 -8.81 -8.58 26.85
N LYS B 149 -8.92 -8.74 28.15
CA LYS B 149 -8.44 -9.93 28.84
C LYS B 149 -9.62 -10.75 29.36
N ASP B 150 -9.49 -12.07 29.31
CA ASP B 150 -10.55 -12.96 29.76
C ASP B 150 -10.44 -13.18 31.26
N THR B 151 -11.25 -14.12 31.77
CA THR B 151 -11.26 -14.45 33.20
C THR B 151 -9.86 -14.81 33.69
N ASN B 152 -9.09 -15.55 32.88
CA ASN B 152 -7.77 -16.03 33.27
C ASN B 152 -6.66 -15.05 32.94
N GLY B 153 -6.97 -13.76 32.80
CA GLY B 153 -5.96 -12.76 32.47
C GLY B 153 -5.35 -12.89 31.09
N GLN B 154 -5.67 -13.92 30.33
CA GLN B 154 -5.09 -14.06 29.01
C GLN B 154 -5.85 -13.20 28.00
N PRO B 155 -5.19 -12.79 26.92
CA PRO B 155 -5.88 -11.96 25.93
C PRO B 155 -7.05 -12.69 25.29
N ILE B 156 -8.17 -12.00 25.18
CA ILE B 156 -9.27 -12.40 24.31
C ILE B 156 -8.87 -11.92 22.92
N VAL B 157 -8.36 -12.84 22.08
CA VAL B 157 -7.66 -12.45 20.86
C VAL B 157 -8.60 -11.97 19.77
N SER B 158 -9.91 -11.98 20.01
CA SER B 158 -10.85 -11.44 19.06
C SER B 158 -11.26 -10.00 19.37
N SER B 159 -10.72 -9.39 20.44
CA SER B 159 -11.27 -8.14 20.94
C SER B 159 -10.14 -7.20 21.36
N LEU B 160 -9.92 -6.16 20.57
CA LEU B 160 -8.99 -5.12 20.95
C LEU B 160 -9.67 -4.08 21.84
N VAL B 161 -8.90 -3.56 22.80
CA VAL B 161 -9.33 -2.40 23.56
C VAL B 161 -9.34 -1.17 22.65
N LYS B 162 -10.41 -0.38 22.73
CA LYS B 162 -10.62 0.75 21.83
C LYS B 162 -10.96 2.07 22.53
N THR B 163 -11.32 2.05 23.82
CA THR B 163 -11.79 3.25 24.50
C THR B 163 -10.98 3.49 25.77
N LYS B 164 -10.97 4.76 26.22
CA LYS B 164 -10.35 5.08 27.49
C LYS B 164 -10.98 4.28 28.62
N GLU B 165 -12.31 4.10 28.57
CA GLU B 165 -13.02 3.30 29.55
C GLU B 165 -12.45 1.89 29.61
N GLU B 166 -12.28 1.25 28.44
CA GLU B 166 -11.78 -0.11 28.39
C GLU B 166 -10.33 -0.22 28.84
N ILE B 167 -9.52 0.82 28.58
CA ILE B 167 -8.14 0.81 29.04
C ILE B 167 -8.09 0.79 30.55
N ALA B 168 -8.88 1.67 31.19
CA ALA B 168 -8.84 1.79 32.64
C ALA B 168 -9.29 0.49 33.31
N GLN B 169 -10.14 -0.29 32.64
CA GLN B 169 -10.66 -1.54 33.19
C GLN B 169 -9.73 -2.72 33.00
N ASP B 170 -8.63 -2.56 32.27
CA ASP B 170 -7.75 -3.69 31.97
C ASP B 170 -7.01 -4.15 33.23
N PRO B 171 -7.22 -5.38 33.69
CA PRO B 171 -6.65 -5.81 34.98
C PRO B 171 -5.22 -6.33 34.91
N VAL B 172 -4.67 -6.56 33.72
CA VAL B 172 -3.33 -7.15 33.58
C VAL B 172 -2.26 -6.10 33.29
N GLN B 173 -2.50 -5.22 32.32
CA GLN B 173 -1.49 -4.26 31.91
C GLN B 173 -1.67 -2.86 32.50
N ILE B 174 -2.91 -2.40 32.68
CA ILE B 174 -3.16 -1.00 33.06
C ILE B 174 -3.43 -0.83 34.54
N ALA B 175 -4.39 -1.59 35.09
CA ALA B 175 -4.72 -1.43 36.52
C ALA B 175 -3.54 -1.67 37.46
N PRO B 176 -2.65 -2.64 37.23
CA PRO B 176 -1.49 -2.75 38.15
C PRO B 176 -0.60 -1.53 38.13
N VAL B 177 -0.54 -0.81 37.01
CA VAL B 177 0.25 0.42 36.95
C VAL B 177 -0.42 1.51 37.77
N LEU B 178 -1.72 1.73 37.54
CA LEU B 178 -2.47 2.73 38.28
C LEU B 178 -2.39 2.47 39.79
N ASP B 179 -2.39 1.20 40.18
CA ASP B 179 -2.28 0.85 41.59
C ASP B 179 -0.89 1.14 42.14
N ALA B 180 0.16 0.81 41.37
CA ALA B 180 1.52 1.09 41.81
C ALA B 180 1.77 2.59 41.91
N ILE B 181 1.18 3.37 41.01
CA ILE B 181 1.29 4.84 41.12
C ILE B 181 0.59 5.31 42.38
N LYS B 182 -0.62 4.80 42.63
CA LYS B 182 -1.39 5.23 43.80
C LYS B 182 -0.66 4.88 45.09
N ASN B 183 0.00 3.73 45.12
CA ASN B 183 0.63 3.22 46.34
C ASN B 183 2.13 3.43 46.36
N MET B 184 2.68 4.17 45.38
CA MET B 184 4.11 4.46 45.31
C MET B 184 4.95 3.19 45.37
N ASN B 185 4.52 2.18 44.61
CA ASN B 185 5.13 0.86 44.58
C ASN B 185 6.25 0.84 43.53
N LYS B 186 7.47 1.18 43.96
CA LYS B 186 8.60 1.14 43.04
C LYS B 186 8.99 -0.29 42.68
N LEU B 187 8.70 -1.25 43.57
CA LEU B 187 8.98 -2.65 43.27
C LEU B 187 8.27 -3.09 42.00
N TYR B 188 7.00 -2.69 41.84
CA TYR B 188 6.28 -3.01 40.61
C TYR B 188 7.03 -2.52 39.37
N TYR B 189 7.44 -1.26 39.38
CA TYR B 189 8.13 -0.69 38.24
C TYR B 189 9.48 -1.35 38.02
N ARG B 190 10.19 -1.65 39.10
CA ARG B 190 11.47 -2.33 38.96
C ARG B 190 11.29 -3.68 38.28
N THR B 191 10.23 -4.41 38.64
CA THR B 191 9.94 -5.69 37.99
C THR B 191 9.71 -5.50 36.49
N VAL B 192 8.90 -4.52 36.11
CA VAL B 192 8.58 -4.32 34.71
C VAL B 192 9.84 -3.91 33.93
N TRP B 193 10.58 -2.93 34.43
CA TRP B 193 11.73 -2.43 33.68
C TRP B 193 12.84 -3.47 33.62
N ASN B 194 13.04 -4.23 34.71
CA ASN B 194 14.02 -5.31 34.67
C ASN B 194 13.60 -6.40 33.68
N LEU B 195 12.31 -6.66 33.54
CA LEU B 195 11.86 -7.71 32.64
C LEU B 195 12.07 -7.33 31.18
N LEU B 196 11.71 -6.09 30.81
CA LEU B 196 11.59 -5.72 29.40
C LEU B 196 12.62 -4.72 28.91
N ILE B 197 13.32 -4.02 29.78
CA ILE B 197 14.26 -2.97 29.35
C ILE B 197 15.66 -3.25 29.85
N TYR B 198 15.83 -3.30 31.17
CA TYR B 198 17.13 -3.55 31.79
C TYR B 198 17.40 -5.05 31.90
N THR B 199 17.36 -5.71 30.74
CA THR B 199 17.54 -7.17 30.69
C THR B 199 18.98 -7.60 30.86
N HIS B 200 19.93 -6.75 30.44
CA HIS B 200 21.34 -7.06 30.46
C HIS B 200 22.14 -6.09 31.29
N ASN B 201 21.64 -4.88 31.48
CA ASN B 201 22.33 -3.84 32.22
C ASN B 201 21.29 -3.03 32.96
N GLN B 202 21.63 -2.56 34.16
CA GLN B 202 20.77 -1.71 34.97
C GLN B 202 21.45 -0.37 35.17
N PRO B 203 20.69 0.71 35.40
CA PRO B 203 21.34 1.94 35.87
C PRO B 203 22.01 1.67 37.21
N GLU B 204 22.97 2.50 37.56
CA GLU B 204 23.57 2.37 38.87
C GLU B 204 22.48 2.65 39.91
N PRO B 205 22.63 2.11 41.11
CA PRO B 205 21.49 2.13 42.06
C PRO B 205 20.92 3.50 42.31
N ASP B 206 21.77 4.52 42.50
CA ASP B 206 21.28 5.88 42.72
C ASP B 206 20.43 6.35 41.55
N ARG B 207 20.94 6.16 40.33
CA ARG B 207 20.19 6.63 39.16
C ARG B 207 18.90 5.86 39.00
N TYR B 208 18.93 4.55 39.25
CA TYR B 208 17.71 3.76 39.16
C TYR B 208 16.66 4.28 40.16
N GLU B 209 17.10 4.62 41.37
CA GLU B 209 16.18 5.21 42.35
C GLU B 209 15.56 6.50 41.80
N LYS B 210 16.39 7.37 41.22
CA LYS B 210 15.87 8.58 40.59
C LYS B 210 14.86 8.25 39.50
N TYR B 211 15.19 7.28 38.65
CA TYR B 211 14.29 6.93 37.55
C TYR B 211 12.96 6.39 38.08
N LEU B 212 13.03 5.55 39.12
CA LEU B 212 11.80 5.02 39.72
C LEU B 212 10.93 6.14 40.30
N ASP B 213 11.55 7.07 41.03
CA ASP B 213 10.85 8.26 41.49
C ASP B 213 10.15 8.96 40.33
N ASP B 214 10.87 9.08 39.21
CA ASP B 214 10.38 9.78 38.03
C ASP B 214 9.14 9.08 37.46
N MET B 215 9.18 7.75 37.39
CA MET B 215 8.03 6.99 36.89
C MET B 215 6.78 7.28 37.71
N LEU B 216 6.95 7.49 39.01
CA LEU B 216 5.82 7.74 39.90
C LEU B 216 5.20 9.12 39.75
N THR B 217 5.79 10.03 38.97
CA THR B 217 5.18 11.33 38.75
C THR B 217 4.14 11.32 37.64
N GLN B 218 3.92 10.21 36.94
CA GLN B 218 2.99 10.22 35.82
C GLN B 218 1.55 10.31 36.31
N ARG B 219 0.78 11.18 35.70
CA ARG B 219 -0.62 11.37 36.09
C ARG B 219 -1.60 11.11 34.97
N ASN B 220 -1.12 10.63 33.81
CA ASN B 220 -1.95 10.53 32.61
C ASN B 220 -1.83 9.14 31.99
N PHE B 221 -1.61 8.11 32.80
CA PHE B 221 -1.30 6.80 32.21
C PHE B 221 -2.42 6.30 31.31
N VAL B 222 -3.67 6.41 31.74
CA VAL B 222 -4.77 5.93 30.90
C VAL B 222 -4.82 6.71 29.58
N ASP B 223 -4.72 8.04 29.66
CA ASP B 223 -4.85 8.87 28.46
C ASP B 223 -3.72 8.59 27.48
N VAL B 224 -2.51 8.37 27.98
CA VAL B 224 -1.37 8.11 27.10
C VAL B 224 -1.56 6.76 26.41
N ASN B 225 -2.02 5.75 27.14
CA ASN B 225 -2.26 4.47 26.48
C ASN B 225 -3.34 4.59 25.42
N TYR B 226 -4.38 5.39 25.69
CA TYR B 226 -5.37 5.65 24.66
C TYR B 226 -4.73 6.31 23.45
N ALA B 227 -3.87 7.30 23.69
CA ALA B 227 -3.20 7.98 22.59
C ALA B 227 -2.34 7.03 21.78
N LEU B 228 -1.75 6.03 22.44
CA LEU B 228 -0.87 5.09 21.75
C LEU B 228 -1.64 4.01 21.00
N ILE B 229 -2.77 3.53 21.54
CA ILE B 229 -3.51 2.53 20.78
C ILE B 229 -4.21 3.17 19.59
N THR B 230 -4.43 4.49 19.60
CA THR B 230 -5.03 5.20 18.47
C THR B 230 -3.99 5.95 17.64
N PHE B 231 -2.71 5.76 17.91
CA PHE B 231 -1.70 6.43 17.11
C PHE B 231 -1.51 5.65 15.82
N ASN B 232 -1.74 6.31 14.68
CA ASN B 232 -1.72 5.60 13.40
C ASN B 232 -1.49 6.63 12.29
N ILE B 233 -0.22 6.84 11.94
CA ILE B 233 0.14 7.75 10.86
C ILE B 233 0.38 7.01 9.55
N SER B 234 0.06 5.73 9.51
CA SER B 234 0.28 4.89 8.35
C SER B 234 -0.86 5.06 7.35
N ASP B 235 -0.79 4.29 6.27
CA ASP B 235 -1.83 4.25 5.25
C ASP B 235 -2.88 3.16 5.50
N GLU B 236 -2.76 2.39 6.57
CA GLU B 236 -3.72 1.31 6.81
C GLU B 236 -4.24 1.32 8.25
N HIS B 237 -5.32 0.58 8.45
CA HIS B 237 -5.95 0.40 9.76
C HIS B 237 -5.04 -0.37 10.70
N ASN B 238 -5.17 -0.10 12.00
CA ASN B 238 -4.38 -0.85 12.99
C ASN B 238 -5.24 -1.73 13.90
N GLY B 239 -6.51 -1.93 13.58
CA GLY B 239 -7.43 -2.64 14.43
C GLY B 239 -8.30 -1.74 15.30
N VAL B 240 -7.85 -0.51 15.54
CA VAL B 240 -8.62 0.47 16.29
C VAL B 240 -9.05 1.65 15.39
N VAL B 241 -8.09 2.28 14.71
CA VAL B 241 -8.37 3.43 13.87
C VAL B 241 -7.72 3.23 12.51
N GLY B 242 -8.28 3.91 11.50
CA GLY B 242 -7.63 3.99 10.22
C GLY B 242 -6.42 4.91 10.27
N GLY B 243 -5.60 4.82 9.24
CA GLY B 243 -4.35 5.56 9.22
C GLY B 243 -4.54 6.98 8.74
N SER B 244 -3.80 7.91 9.38
CA SER B 244 -3.94 9.31 9.02
C SER B 244 -3.08 9.71 7.83
N LYS B 245 -2.16 8.85 7.39
CA LYS B 245 -1.25 9.09 6.26
C LYS B 245 -0.26 10.22 6.53
N GLN B 246 -0.11 10.64 7.78
CA GLN B 246 0.75 11.77 8.15
C GLN B 246 2.23 11.45 7.99
N ILE B 247 2.58 10.17 7.87
CA ILE B 247 3.99 9.80 7.77
C ILE B 247 4.63 10.38 6.51
N HIS B 248 3.86 10.51 5.43
CA HIS B 248 4.39 11.09 4.20
C HIS B 248 4.73 12.56 4.33
N ARG B 249 4.30 13.23 5.39
CA ARG B 249 4.60 14.64 5.60
C ARG B 249 5.87 14.87 6.41
N ILE B 250 6.54 13.81 6.88
CA ILE B 250 7.72 13.96 7.73
C ILE B 250 8.93 14.04 6.80
N LYS B 251 9.28 15.25 6.40
CA LYS B 251 10.25 15.48 5.35
C LYS B 251 11.67 15.78 5.86
N ALA B 252 11.81 16.12 7.14
CA ALA B 252 13.12 16.38 7.71
C ALA B 252 14.02 15.15 7.61
N PRO B 253 15.34 15.34 7.45
CA PRO B 253 16.26 14.19 7.47
C PRO B 253 16.22 13.48 8.81
N THR B 254 15.79 12.22 8.77
CA THR B 254 15.43 11.49 9.97
C THR B 254 16.35 10.31 10.17
N LEU B 255 16.84 10.15 11.39
CA LEU B 255 17.63 8.99 11.80
C LEU B 255 16.77 8.12 12.71
N VAL B 256 16.55 6.88 12.31
CA VAL B 256 15.82 5.90 13.12
C VAL B 256 16.84 5.04 13.86
N ILE B 257 16.91 5.16 15.18
CA ILE B 257 17.80 4.35 16.00
C ILE B 257 16.97 3.23 16.63
N GLN B 258 17.41 1.99 16.42
CA GLN B 258 16.65 0.83 16.86
C GLN B 258 17.60 -0.17 17.51
N GLY B 259 17.22 -0.71 18.66
CA GLY B 259 18.03 -1.71 19.33
C GLY B 259 17.72 -3.12 18.82
N ASP B 260 18.76 -3.95 18.76
CA ASP B 260 18.59 -5.31 18.26
C ASP B 260 17.96 -6.27 19.28
N ARG B 261 17.82 -5.88 20.55
CA ARG B 261 17.14 -6.74 21.51
C ARG B 261 16.18 -5.91 22.35
N ASP B 262 15.54 -4.92 21.71
CA ASP B 262 14.53 -4.10 22.35
C ASP B 262 13.25 -4.93 22.49
N TYR B 263 12.86 -5.24 23.74
CA TYR B 263 11.66 -6.01 24.00
C TYR B 263 10.38 -5.16 24.00
N VAL B 264 10.51 -3.83 24.10
CA VAL B 264 9.32 -2.97 24.07
C VAL B 264 8.97 -2.58 22.65
N VAL B 265 9.98 -2.20 21.86
CA VAL B 265 9.81 -1.86 20.46
C VAL B 265 10.76 -2.72 19.66
N PRO B 266 10.28 -3.83 19.11
CA PRO B 266 11.18 -4.77 18.44
C PRO B 266 11.79 -4.17 17.18
N GLN B 267 12.87 -4.82 16.71
CA GLN B 267 13.65 -4.27 15.61
C GLN B 267 12.79 -4.03 14.36
N VAL B 268 11.84 -4.93 14.07
CA VAL B 268 11.01 -4.78 12.87
C VAL B 268 10.24 -3.48 12.87
N VAL B 269 9.98 -2.89 14.04
CA VAL B 269 9.22 -1.64 14.10
C VAL B 269 10.06 -0.49 13.56
N GLY B 270 11.31 -0.39 14.00
CA GLY B 270 12.20 0.63 13.47
C GLY B 270 12.54 0.42 12.00
N GLU B 271 12.73 -0.84 11.58
CA GLU B 271 12.95 -1.11 10.17
C GLU B 271 11.76 -0.61 9.34
N GLU B 272 10.54 -0.80 9.85
CA GLU B 272 9.35 -0.39 9.12
C GLU B 272 9.24 1.13 9.04
N LEU B 273 9.46 1.81 10.18
CA LEU B 273 9.50 3.27 10.17
C LEU B 273 10.45 3.79 9.12
N ALA B 274 11.69 3.29 9.15
CA ALA B 274 12.71 3.75 8.21
C ALA B 274 12.28 3.50 6.78
N LYS B 275 11.60 2.38 6.53
CA LYS B 275 11.17 2.06 5.18
C LYS B 275 10.09 3.02 4.70
N HIS B 276 9.20 3.45 5.59
CA HIS B 276 8.01 4.20 5.19
C HIS B 276 8.14 5.71 5.31
N LEU B 277 9.12 6.20 6.08
CA LEU B 277 9.36 7.64 6.16
C LEU B 277 9.91 8.16 4.83
N PRO B 278 9.60 9.42 4.48
CA PRO B 278 10.12 9.97 3.22
C PRO B 278 11.63 10.11 3.14
N ASN B 279 12.31 10.38 4.26
CA ASN B 279 13.68 10.89 4.22
C ASN B 279 14.47 10.35 5.41
N ALA B 280 14.48 9.02 5.57
CA ALA B 280 15.01 8.43 6.79
C ALA B 280 16.19 7.50 6.51
N GLU B 281 17.01 7.34 7.54
CA GLU B 281 18.08 6.34 7.61
C GLU B 281 17.88 5.51 8.87
N LEU B 282 18.39 4.29 8.83
CA LEU B 282 18.21 3.32 9.91
C LEU B 282 19.56 2.99 10.53
N LYS B 283 19.63 3.00 11.86
CA LYS B 283 20.81 2.52 12.56
C LYS B 283 20.35 1.51 13.60
N VAL B 284 20.71 0.25 13.42
CA VAL B 284 20.39 -0.79 14.39
C VAL B 284 21.58 -0.93 15.32
N LEU B 285 21.34 -0.78 16.62
CA LEU B 285 22.41 -0.79 17.60
C LEU B 285 22.64 -2.21 18.11
N GLU B 286 23.87 -2.68 17.97
CA GLU B 286 24.24 -4.01 18.41
C GLU B 286 24.19 -4.10 19.93
N ASP B 287 23.61 -5.20 20.43
CA ASP B 287 23.57 -5.48 21.87
C ASP B 287 22.89 -4.36 22.64
N CYS B 288 21.70 -3.95 22.18
CA CYS B 288 21.00 -2.79 22.70
C CYS B 288 19.50 -3.07 22.77
N GLY B 289 18.91 -2.77 23.92
CA GLY B 289 17.48 -2.87 24.14
C GLY B 289 16.78 -1.53 24.04
N HIS B 290 15.68 -1.39 24.80
CA HIS B 290 14.87 -0.17 24.75
C HIS B 290 15.59 1.04 25.32
N SER B 291 16.65 0.85 26.11
CA SER B 291 17.44 1.95 26.67
C SER B 291 18.85 1.95 26.13
N PRO B 292 19.12 2.63 25.02
CA PRO B 292 20.52 2.79 24.58
C PRO B 292 21.33 3.60 25.56
N PHE B 293 20.65 4.39 26.40
CA PHE B 293 21.33 5.23 27.38
C PHE B 293 22.06 4.39 28.41
N ILE B 294 21.52 3.21 28.72
CA ILE B 294 22.11 2.32 29.69
C ILE B 294 22.93 1.21 29.01
N ASP B 295 22.47 0.69 27.88
CA ASP B 295 23.14 -0.45 27.25
C ASP B 295 24.42 -0.04 26.51
N CYS B 296 24.44 1.14 25.88
CA CYS B 296 25.56 1.49 25.01
C CYS B 296 25.63 2.99 24.74
N LEU B 297 25.81 3.77 25.82
CA LEU B 297 25.66 5.22 25.73
C LEU B 297 26.66 5.85 24.75
N ASP B 298 27.92 5.42 24.81
CA ASP B 298 28.96 6.04 23.98
C ASP B 298 28.71 5.80 22.49
N VAL B 299 28.25 4.61 22.13
CA VAL B 299 27.91 4.34 20.74
C VAL B 299 26.71 5.18 20.32
N PHE B 300 25.71 5.26 21.20
CA PHE B 300 24.53 6.05 20.91
C PHE B 300 24.89 7.50 20.64
N ILE B 301 25.70 8.09 21.54
CA ILE B 301 26.05 9.50 21.41
C ILE B 301 26.83 9.74 20.12
N LYS B 302 27.74 8.81 19.78
CA LYS B 302 28.52 8.96 18.55
C LYS B 302 27.63 9.09 17.32
N HIS B 303 26.64 8.19 17.19
CA HIS B 303 25.74 8.25 16.03
C HIS B 303 24.89 9.50 16.06
N VAL B 304 24.43 9.91 17.25
CA VAL B 304 23.63 11.13 17.35
C VAL B 304 24.46 12.34 16.92
N GLU B 305 25.69 12.45 17.45
CA GLU B 305 26.55 13.57 17.08
C GLU B 305 26.87 13.53 15.59
N ASP B 306 27.13 12.34 15.05
CA ASP B 306 27.43 12.22 13.62
C ASP B 306 26.25 12.66 12.77
N TRP B 307 25.03 12.37 13.22
CA TRP B 307 23.84 12.80 12.47
C TRP B 307 23.67 14.30 12.52
N LEU B 308 23.75 14.89 13.71
CA LEU B 308 23.58 16.32 13.83
C LEU B 308 24.62 17.09 13.02
N GLU B 309 25.84 16.57 12.95
CA GLU B 309 26.96 17.27 12.33
C GLU B 309 27.05 17.02 10.82
N GLN B 310 26.20 16.15 10.29
CA GLN B 310 26.15 15.89 8.86
C GLN B 310 25.62 17.10 8.09
N LYS B 311 26.21 17.33 6.92
CA LYS B 311 25.76 18.42 6.06
C LYS B 311 24.29 18.25 5.69
N ILE C 13 22.11 36.67 -36.91
CA ILE C 13 21.35 35.44 -36.79
C ILE C 13 22.26 34.26 -36.51
N LYS C 14 23.56 34.50 -36.61
CA LYS C 14 24.50 33.39 -36.50
C LYS C 14 24.70 33.01 -35.03
N PRO C 15 24.75 31.72 -34.71
CA PRO C 15 24.97 31.31 -33.32
C PRO C 15 26.34 31.80 -32.83
N ALA C 16 26.54 31.71 -31.53
CA ALA C 16 27.80 32.12 -30.94
C ALA C 16 28.90 31.13 -31.27
N THR C 17 30.15 31.58 -31.14
CA THR C 17 31.32 30.71 -31.25
C THR C 17 31.29 29.65 -30.16
N MET C 18 31.53 28.40 -30.54
CA MET C 18 31.40 27.27 -29.63
C MET C 18 32.77 26.62 -29.36
N GLU C 19 32.98 26.20 -28.11
CA GLU C 19 34.09 25.31 -27.76
C GLU C 19 33.57 23.88 -27.67
N PHE C 20 34.49 22.92 -27.62
CA PHE C 20 34.09 21.51 -27.57
C PHE C 20 34.96 20.75 -26.59
N VAL C 21 34.36 19.84 -25.84
CA VAL C 21 35.13 18.85 -25.08
C VAL C 21 34.55 17.48 -25.36
N SER C 22 35.43 16.51 -25.62
CA SER C 22 35.02 15.13 -25.84
C SER C 22 35.10 14.34 -24.53
N LEU C 23 34.09 13.54 -24.25
CA LEU C 23 34.00 12.82 -22.99
C LEU C 23 34.35 11.36 -23.18
N SER C 24 34.71 10.71 -22.07
CA SER C 24 35.06 9.29 -22.14
C SER C 24 33.90 8.42 -22.59
N ASN C 25 32.66 8.90 -22.56
CA ASN C 25 31.56 8.10 -23.07
C ASN C 25 31.38 8.22 -24.59
N GLY C 26 32.23 8.99 -25.27
CA GLY C 26 32.20 9.06 -26.72
C GLY C 26 31.39 10.19 -27.29
N GLU C 27 30.79 11.03 -26.45
CA GLU C 27 30.08 12.19 -26.93
C GLU C 27 31.01 13.39 -26.89
N THR C 28 30.73 14.38 -27.73
CA THR C 28 31.42 15.66 -27.72
C THR C 28 30.40 16.74 -27.40
N ILE C 29 30.61 17.45 -26.31
CA ILE C 29 29.67 18.46 -25.87
C ILE C 29 30.17 19.81 -26.36
N ALA C 30 29.30 20.55 -27.04
CA ALA C 30 29.60 21.93 -27.40
C ALA C 30 29.17 22.88 -26.28
N TYR C 31 29.88 24.00 -26.14
CA TYR C 31 29.52 24.95 -25.10
C TYR C 31 30.06 26.33 -25.44
N GLN C 32 29.37 27.36 -24.99
CA GLN C 32 29.90 28.70 -24.99
C GLN C 32 30.60 28.98 -23.67
N GLU C 33 31.65 29.78 -23.72
CA GLU C 33 32.34 30.18 -22.51
C GLU C 33 32.72 31.64 -22.66
N VAL C 34 32.29 32.46 -21.70
CA VAL C 34 32.62 33.88 -21.68
C VAL C 34 32.97 34.25 -20.25
N GLY C 35 33.56 35.43 -20.11
CA GLY C 35 33.86 35.94 -18.78
C GLY C 35 34.97 35.22 -18.07
N ARG C 36 35.99 34.76 -18.80
CA ARG C 36 37.06 33.96 -18.19
C ARG C 36 37.83 34.75 -17.14
N ARG C 37 37.78 36.08 -17.22
CA ARG C 37 38.45 36.94 -16.26
C ARG C 37 37.78 36.95 -14.89
N ASN C 38 36.55 36.46 -14.79
CA ASN C 38 35.74 36.59 -13.58
C ASN C 38 35.89 35.37 -12.68
N THR C 39 35.77 35.61 -11.37
CA THR C 39 36.04 34.57 -10.39
C THR C 39 34.90 33.57 -10.25
N ASP C 40 33.66 34.06 -10.19
CA ASP C 40 32.52 33.19 -9.88
C ASP C 40 32.01 32.48 -11.14
N ILE C 41 31.86 31.15 -11.07
CA ILE C 41 31.51 30.35 -12.24
C ILE C 41 30.02 30.05 -12.23
N LEU C 42 29.39 30.21 -13.39
CA LEU C 42 27.98 29.93 -13.56
C LEU C 42 27.81 29.00 -14.75
N VAL C 43 27.11 27.88 -14.56
CA VAL C 43 26.85 26.89 -15.60
C VAL C 43 25.36 26.95 -15.95
N LEU C 44 25.05 27.08 -17.24
CA LEU C 44 23.68 27.23 -17.74
C LEU C 44 23.27 25.97 -18.51
N ILE C 45 22.06 25.48 -18.24
CA ILE C 45 21.48 24.29 -18.90
C ILE C 45 20.14 24.67 -19.52
N HIS C 46 20.04 24.59 -20.85
CA HIS C 46 18.84 24.90 -21.62
C HIS C 46 17.77 23.81 -21.46
N GLY C 47 16.60 24.04 -22.07
CA GLY C 47 15.49 23.12 -22.02
C GLY C 47 15.25 22.38 -23.34
N ASN C 48 14.08 21.75 -23.41
CA ASN C 48 13.70 21.04 -24.62
C ASN C 48 13.53 22.01 -25.80
N MET C 49 13.77 21.51 -27.01
CA MET C 49 13.64 22.28 -28.26
C MET C 49 14.60 23.47 -28.34
N THR C 50 15.69 23.47 -27.58
CA THR C 50 16.60 24.62 -27.60
C THR C 50 18.01 24.11 -27.37
N SER C 51 18.96 25.03 -27.47
CA SER C 51 20.34 24.75 -27.08
C SER C 51 20.83 25.97 -26.30
N SER C 52 22.15 26.01 -26.05
CA SER C 52 22.73 27.15 -25.34
C SER C 52 22.46 28.48 -26.04
N GLN C 53 22.23 28.46 -27.36
CA GLN C 53 21.99 29.72 -28.06
C GLN C 53 20.83 30.50 -27.43
N HIS C 54 19.89 29.80 -26.77
CA HIS C 54 18.75 30.48 -26.14
C HIS C 54 19.11 31.22 -24.87
N TRP C 55 20.31 31.04 -24.34
CA TRP C 55 20.81 31.80 -23.20
C TRP C 55 21.44 33.13 -23.59
N ASP C 56 21.36 33.52 -24.88
CA ASP C 56 22.14 34.65 -25.37
C ASP C 56 21.89 35.92 -24.56
N LEU C 57 20.62 36.22 -24.27
CA LEU C 57 20.27 37.44 -23.56
C LEU C 57 20.78 37.43 -22.12
N VAL C 58 20.64 36.30 -21.44
CA VAL C 58 21.14 36.19 -20.08
C VAL C 58 22.66 36.28 -20.07
N ILE C 59 23.30 35.63 -21.05
CA ILE C 59 24.76 35.69 -21.14
C ILE C 59 25.24 37.13 -21.29
N GLU C 60 24.55 37.91 -22.12
CA GLU C 60 24.95 39.31 -22.32
C GLU C 60 24.84 40.10 -21.02
N LYS C 61 23.82 39.80 -20.22
CA LYS C 61 23.58 40.57 -19.00
C LYS C 61 24.52 40.19 -17.87
N LEU C 62 25.07 38.97 -17.88
CA LEU C 62 25.83 38.45 -16.75
C LEU C 62 27.32 38.26 -17.03
N GLN C 63 27.75 38.37 -18.29
CA GLN C 63 29.13 38.02 -18.63
C GLN C 63 30.14 38.98 -18.03
N ASP C 64 29.72 40.15 -17.57
CA ASP C 64 30.63 41.10 -16.94
C ASP C 64 30.96 40.73 -15.50
N GLN C 65 30.13 39.92 -14.86
CA GLN C 65 30.31 39.54 -13.46
C GLN C 65 30.69 38.09 -13.26
N TYR C 66 30.25 37.18 -14.13
CA TYR C 66 30.49 35.76 -13.96
C TYR C 66 31.27 35.15 -15.11
N HIS C 67 31.95 34.06 -14.80
CA HIS C 67 32.57 33.17 -15.78
C HIS C 67 31.52 32.13 -16.14
N ILE C 68 30.99 32.19 -17.36
CA ILE C 68 29.80 31.45 -17.73
C ILE C 68 30.17 30.34 -18.70
N TYR C 69 29.64 29.15 -18.44
CA TYR C 69 29.66 28.05 -19.40
C TYR C 69 28.22 27.69 -19.71
N ALA C 70 27.84 27.74 -20.98
CA ALA C 70 26.48 27.38 -21.39
C ALA C 70 26.59 26.18 -22.33
N LEU C 71 26.12 25.03 -21.86
CA LEU C 71 26.32 23.77 -22.55
C LEU C 71 25.18 23.45 -23.50
N ASP C 72 25.52 22.79 -24.60
CA ASP C 72 24.53 22.10 -25.44
C ASP C 72 24.47 20.66 -24.95
N LEU C 73 23.33 20.25 -24.42
CA LEU C 73 23.20 18.88 -23.97
C LEU C 73 23.29 17.92 -25.18
N ARG C 74 23.63 16.68 -24.88
CA ARG C 74 23.70 15.64 -25.89
C ARG C 74 22.46 15.66 -26.78
N GLY C 75 22.68 15.66 -28.10
CA GLY C 75 21.58 15.66 -29.07
C GLY C 75 20.93 16.99 -29.34
N PHE C 76 21.44 18.08 -28.77
CA PHE C 76 20.96 19.43 -29.00
C PHE C 76 22.10 20.26 -29.58
N GLY C 77 21.77 21.21 -30.43
CA GLY C 77 22.78 22.22 -30.75
C GLY C 77 23.93 21.60 -31.52
N GLN C 78 25.16 21.88 -31.07
CA GLN C 78 26.33 21.37 -31.76
C GLN C 78 26.99 20.20 -31.04
N SER C 79 26.30 19.61 -30.07
CA SER C 79 26.77 18.42 -29.37
C SER C 79 26.36 17.16 -30.13
N THR C 80 27.11 16.10 -29.92
CA THR C 80 26.85 14.85 -30.63
C THR C 80 25.67 14.12 -29.99
N TYR C 81 25.23 13.04 -30.66
CA TYR C 81 24.18 12.16 -30.13
C TYR C 81 24.49 10.73 -30.60
N ASN C 82 25.59 10.18 -30.08
CA ASN C 82 26.02 8.87 -30.56
C ASN C 82 25.32 7.73 -29.81
N GLN C 83 24.83 7.99 -28.61
CA GLN C 83 24.11 7.02 -27.80
C GLN C 83 22.83 7.68 -27.28
N SER C 84 21.71 6.97 -27.37
CA SER C 84 20.47 7.60 -26.94
C SER C 84 20.42 7.71 -25.42
N ILE C 85 19.68 8.70 -24.94
CA ILE C 85 19.44 8.84 -23.51
C ILE C 85 18.05 8.26 -23.23
N ASP C 86 17.81 7.88 -21.98
CA ASP C 86 16.46 7.53 -21.57
C ASP C 86 16.10 8.11 -20.21
N SER C 87 16.87 9.07 -19.70
CA SER C 87 16.57 9.67 -18.40
C SER C 87 17.26 11.02 -18.31
N LEU C 88 16.70 11.91 -17.48
CA LEU C 88 17.43 13.14 -17.25
C LEU C 88 18.75 12.84 -16.52
N GLN C 89 18.81 11.72 -15.80
CA GLN C 89 20.05 11.34 -15.13
C GLN C 89 21.19 11.17 -16.13
N ASP C 90 20.88 10.69 -17.34
CA ASP C 90 21.89 10.58 -18.39
C ASP C 90 22.46 11.94 -18.76
N PHE C 91 21.60 12.97 -18.87
CA PHE C 91 22.10 14.32 -19.14
C PHE C 91 22.98 14.81 -17.99
N ALA C 92 22.58 14.53 -16.75
CA ALA C 92 23.34 15.00 -15.60
C ALA C 92 24.70 14.30 -15.51
N GLU C 93 24.76 13.02 -15.90
CA GLU C 93 26.04 12.32 -15.93
C GLU C 93 26.97 12.90 -16.99
N ASP C 94 26.40 13.29 -18.15
CA ASP C 94 27.18 14.04 -19.14
C ASP C 94 27.77 15.31 -18.53
N VAL C 95 26.95 16.05 -17.79
CA VAL C 95 27.41 17.30 -17.18
C VAL C 95 28.56 17.04 -16.22
N LYS C 96 28.50 15.91 -15.49
CA LYS C 96 29.57 15.61 -14.56
C LYS C 96 30.86 15.27 -15.30
N LEU C 97 30.77 14.42 -16.34
CA LEU C 97 31.94 14.16 -17.16
C LEU C 97 32.53 15.46 -17.70
N PHE C 98 31.66 16.37 -18.12
CA PHE C 98 32.07 17.66 -18.66
C PHE C 98 32.87 18.46 -17.64
N ILE C 99 32.29 18.68 -16.45
CA ILE C 99 33.01 19.49 -15.48
C ILE C 99 34.23 18.75 -14.95
N ASP C 100 34.23 17.41 -14.97
CA ASP C 100 35.46 16.69 -14.60
C ASP C 100 36.57 16.96 -15.60
N GLU C 101 36.24 16.98 -16.90
CA GLU C 101 37.26 17.21 -17.92
C GLU C 101 37.86 18.60 -17.81
N LEU C 102 37.03 19.58 -17.51
CA LEU C 102 37.45 20.97 -17.39
C LEU C 102 37.94 21.29 -15.99
N LYS C 103 37.87 20.32 -15.09
CA LYS C 103 38.41 20.46 -13.73
C LYS C 103 37.75 21.63 -12.99
N LEU C 104 36.46 21.83 -13.23
CA LEU C 104 35.67 22.78 -12.43
C LEU C 104 35.29 22.12 -11.10
N GLU C 105 35.49 22.85 -10.00
CA GLU C 105 35.25 22.31 -8.67
C GLU C 105 34.03 22.87 -7.96
N LYS C 106 33.65 24.12 -8.23
CA LYS C 106 32.52 24.77 -7.58
C LYS C 106 31.93 25.77 -8.56
N PHE C 107 30.60 25.82 -8.63
CA PHE C 107 29.93 26.73 -9.54
C PHE C 107 28.47 26.84 -9.15
N SER C 108 27.86 27.96 -9.50
CA SER C 108 26.41 28.05 -9.45
C SER C 108 25.82 27.43 -10.71
N LEU C 109 24.60 26.93 -10.59
CA LEU C 109 23.96 26.15 -11.64
C LEU C 109 22.56 26.71 -11.90
N MET C 110 22.23 26.97 -13.18
CA MET C 110 20.93 27.51 -13.55
C MET C 110 20.36 26.73 -14.71
N GLY C 111 19.13 26.25 -14.56
CA GLY C 111 18.50 25.40 -15.57
C GLY C 111 17.10 25.87 -15.90
N TRP C 112 16.79 25.84 -17.20
CA TRP C 112 15.50 26.25 -17.75
C TRP C 112 14.68 25.02 -18.13
N ALA C 113 13.49 24.89 -17.55
CA ALA C 113 12.49 23.90 -17.98
C ALA C 113 13.06 22.49 -17.86
N MET C 114 13.13 21.70 -18.93
CA MET C 114 13.78 20.38 -18.85
C MET C 114 15.19 20.50 -18.27
N GLY C 115 15.88 21.61 -18.56
CA GLY C 115 17.18 21.84 -17.98
C GLY C 115 17.16 21.99 -16.48
N GLY C 116 16.03 22.46 -15.92
CA GLY C 116 15.90 22.51 -14.47
C GLY C 116 15.83 21.13 -13.85
N GLY C 117 15.14 20.19 -14.51
CA GLY C 117 15.22 18.80 -14.07
C GLY C 117 16.63 18.24 -14.13
N VAL C 118 17.34 18.48 -15.23
CA VAL C 118 18.74 18.05 -15.31
C VAL C 118 19.54 18.69 -14.17
N ALA C 119 19.30 19.98 -13.90
CA ALA C 119 20.06 20.69 -12.88
C ALA C 119 19.73 20.14 -11.50
N MET C 120 18.45 19.87 -11.23
CA MET C 120 18.08 19.26 -9.95
C MET C 120 18.73 17.90 -9.80
N GLN C 121 18.67 17.07 -10.85
CA GLN C 121 19.27 15.74 -10.79
C GLN C 121 20.77 15.84 -10.55
N PHE C 122 21.43 16.77 -11.24
CA PHE C 122 22.87 16.93 -11.03
C PHE C 122 23.17 17.33 -9.61
N THR C 123 22.38 18.25 -9.06
CA THR C 123 22.68 18.77 -7.73
C THR C 123 22.40 17.74 -6.66
N ALA C 124 21.41 16.85 -6.87
CA ALA C 124 21.18 15.77 -5.93
C ALA C 124 22.34 14.77 -5.92
N ASN C 125 22.95 14.53 -7.09
CA ASN C 125 24.03 13.56 -7.25
C ASN C 125 25.38 14.10 -6.76
N HIS C 126 25.63 15.39 -6.93
CA HIS C 126 26.96 15.97 -6.74
C HIS C 126 26.85 17.28 -5.98
N PRO C 127 26.30 17.25 -4.76
CA PRO C 127 26.05 18.52 -4.06
C PRO C 127 27.33 19.30 -3.75
N THR C 128 28.49 18.65 -3.63
CA THR C 128 29.70 19.38 -3.28
C THR C 128 30.20 20.28 -4.40
N PHE C 129 29.65 20.16 -5.62
CA PHE C 129 30.08 20.98 -6.74
C PHE C 129 29.20 22.22 -6.95
N VAL C 130 28.05 22.31 -6.27
CA VAL C 130 27.02 23.29 -6.60
C VAL C 130 26.90 24.30 -5.46
N GLU C 131 27.17 25.57 -5.77
CA GLU C 131 27.10 26.63 -4.77
C GLU C 131 25.67 27.14 -4.61
N LYS C 132 25.09 27.63 -5.69
CA LYS C 132 23.70 28.04 -5.70
C LYS C 132 23.03 27.37 -6.90
N LEU C 133 21.74 27.08 -6.75
CA LEU C 133 20.94 26.46 -7.80
C LEU C 133 19.79 27.38 -8.16
N ILE C 134 19.59 27.64 -9.44
CA ILE C 134 18.47 28.46 -9.89
C ILE C 134 17.66 27.67 -10.90
N LEU C 135 16.37 27.53 -10.63
CA LEU C 135 15.47 26.80 -11.51
C LEU C 135 14.53 27.79 -12.19
N VAL C 136 14.50 27.78 -13.52
CA VAL C 136 13.72 28.75 -14.28
C VAL C 136 12.65 27.99 -15.05
N GLU C 137 11.40 28.14 -14.63
CA GLU C 137 10.29 27.43 -15.27
C GLU C 137 10.60 25.94 -15.33
N SER C 138 11.21 25.41 -14.27
CA SER C 138 11.69 24.04 -14.30
C SER C 138 10.54 23.05 -14.36
N VAL C 139 10.76 21.95 -15.07
CA VAL C 139 9.85 20.81 -14.98
C VAL C 139 9.77 20.41 -13.51
N GLY C 140 8.64 19.83 -13.13
CA GLY C 140 8.38 19.52 -11.74
C GLY C 140 9.07 18.26 -11.26
N MET C 141 8.97 18.02 -9.96
CA MET C 141 9.65 16.89 -9.36
C MET C 141 9.07 15.55 -9.80
N LYS C 142 7.87 15.55 -10.39
CA LYS C 142 7.29 14.32 -10.94
C LYS C 142 7.22 14.34 -12.45
N GLY C 143 8.03 15.17 -13.10
CA GLY C 143 8.03 15.18 -14.55
C GLY C 143 6.77 15.81 -15.10
N TYR C 144 6.45 15.43 -16.35
CA TYR C 144 5.16 15.82 -16.86
C TYR C 144 4.65 14.70 -17.74
N PRO C 145 3.36 14.44 -17.70
CA PRO C 145 2.79 13.36 -18.49
C PRO C 145 2.42 13.81 -19.90
N ILE C 146 2.24 12.82 -20.74
CA ILE C 146 1.69 12.99 -22.08
C ILE C 146 0.43 12.15 -22.14
N PHE C 147 -0.65 12.71 -22.66
CA PHE C 147 -1.92 11.99 -22.74
C PHE C 147 -2.18 11.52 -24.16
N LYS C 148 -2.87 10.39 -24.29
CA LYS C 148 -3.46 10.03 -25.57
C LYS C 148 -4.44 11.10 -26.03
N LYS C 149 -4.62 11.19 -27.35
CA LYS C 149 -5.46 12.22 -27.96
C LYS C 149 -6.70 11.61 -28.57
N ASP C 150 -7.82 12.33 -28.48
CA ASP C 150 -9.06 11.90 -29.11
C ASP C 150 -9.07 12.33 -30.59
N THR C 151 -10.18 12.03 -31.27
CA THR C 151 -10.29 12.32 -32.71
C THR C 151 -10.19 13.81 -33.02
N ASN C 152 -10.36 14.68 -32.04
CA ASN C 152 -10.19 16.11 -32.26
C ASN C 152 -8.79 16.62 -31.92
N GLY C 153 -7.87 15.73 -31.53
CA GLY C 153 -6.54 16.14 -31.13
C GLY C 153 -6.43 16.60 -29.69
N GLN C 154 -7.45 16.45 -28.93
CA GLN C 154 -7.51 16.90 -27.55
C GLN C 154 -7.10 15.77 -26.62
N PRO C 155 -6.44 16.12 -25.51
CA PRO C 155 -5.98 15.10 -24.57
C PRO C 155 -7.13 14.34 -23.94
N ILE C 156 -6.93 13.05 -23.76
CA ILE C 156 -7.80 12.17 -22.98
C ILE C 156 -7.14 12.03 -21.62
N VAL C 157 -7.61 12.79 -20.63
CA VAL C 157 -6.77 13.09 -19.45
C VAL C 157 -6.77 11.98 -18.41
N SER C 158 -7.43 10.85 -18.68
CA SER C 158 -7.21 9.68 -17.86
C SER C 158 -6.44 8.59 -18.60
N SER C 159 -5.86 8.92 -19.76
CA SER C 159 -5.16 7.96 -20.61
C SER C 159 -3.71 8.40 -20.74
N LEU C 160 -2.84 7.84 -19.90
CA LEU C 160 -1.46 8.26 -19.78
C LEU C 160 -0.55 7.49 -20.74
N VAL C 161 0.35 8.22 -21.38
CA VAL C 161 1.39 7.58 -22.19
C VAL C 161 2.52 7.12 -21.28
N LYS C 162 3.05 5.92 -21.52
CA LYS C 162 4.05 5.36 -20.60
C LYS C 162 5.31 4.82 -21.26
N THR C 163 5.39 4.79 -22.58
CA THR C 163 6.47 4.07 -23.25
C THR C 163 7.02 4.91 -24.39
N LYS C 164 8.31 4.72 -24.70
CA LYS C 164 8.91 5.43 -25.82
C LYS C 164 8.20 5.12 -27.13
N GLU C 165 7.78 3.87 -27.32
CA GLU C 165 7.04 3.54 -28.54
C GLU C 165 5.73 4.30 -28.61
N GLU C 166 4.99 4.40 -27.50
CA GLU C 166 3.77 5.20 -27.48
C GLU C 166 4.04 6.65 -27.84
N ILE C 167 5.08 7.23 -27.24
CA ILE C 167 5.46 8.62 -27.57
C ILE C 167 5.67 8.76 -29.07
N ALA C 168 6.43 7.84 -29.67
CA ALA C 168 6.72 7.91 -31.10
C ALA C 168 5.44 7.97 -31.93
N GLN C 169 4.40 7.25 -31.52
CA GLN C 169 3.17 7.18 -32.31
C GLN C 169 2.19 8.33 -32.03
N ASP C 170 2.56 9.31 -31.22
CA ASP C 170 1.63 10.40 -30.96
C ASP C 170 1.52 11.31 -32.18
N PRO C 171 0.37 11.39 -32.85
CA PRO C 171 0.29 12.14 -34.10
C PRO C 171 0.08 13.64 -33.92
N VAL C 172 -0.04 14.13 -32.70
CA VAL C 172 -0.43 15.51 -32.44
C VAL C 172 0.73 16.34 -31.90
N GLN C 173 1.35 15.90 -30.81
CA GLN C 173 2.42 16.70 -30.23
C GLN C 173 3.80 16.10 -30.42
N ILE C 174 3.92 14.95 -31.08
CA ILE C 174 5.26 14.39 -31.29
C ILE C 174 5.57 14.30 -32.77
N ALA C 175 4.75 13.55 -33.51
CA ALA C 175 4.99 13.36 -34.94
C ALA C 175 5.16 14.67 -35.72
N PRO C 176 4.31 15.69 -35.55
CA PRO C 176 4.53 16.94 -36.32
C PRO C 176 5.84 17.64 -35.98
N VAL C 177 6.40 17.39 -34.78
CA VAL C 177 7.70 17.98 -34.45
C VAL C 177 8.80 17.25 -35.21
N LEU C 178 8.75 15.91 -35.22
CA LEU C 178 9.74 15.14 -35.95
C LEU C 178 9.74 15.50 -37.44
N ASP C 179 8.54 15.69 -38.01
CA ASP C 179 8.48 16.04 -39.43
C ASP C 179 9.01 17.45 -39.66
N ALA C 180 8.73 18.37 -38.74
CA ALA C 180 9.24 19.73 -38.87
C ALA C 180 10.76 19.74 -38.84
N ILE C 181 11.36 18.94 -37.97
CA ILE C 181 12.82 18.81 -37.96
C ILE C 181 13.32 18.29 -39.31
N LYS C 182 12.70 17.22 -39.80
CA LYS C 182 13.17 16.58 -41.03
C LYS C 182 13.07 17.53 -42.23
N ASN C 183 11.98 18.27 -42.32
CA ASN C 183 11.78 19.18 -43.43
C ASN C 183 12.25 20.59 -43.12
N MET C 184 12.94 20.78 -41.99
CA MET C 184 13.45 22.09 -41.58
C MET C 184 12.36 23.16 -41.60
N ASN C 185 11.19 22.80 -41.05
CA ASN C 185 9.98 23.65 -41.08
C ASN C 185 10.02 24.62 -39.91
N LYS C 186 10.56 25.82 -40.15
CA LYS C 186 10.60 26.83 -39.09
C LYS C 186 9.22 27.43 -38.83
N LEU C 187 8.34 27.46 -39.84
CA LEU C 187 7.02 28.02 -39.63
C LEU C 187 6.23 27.20 -38.62
N TYR C 188 6.41 25.88 -38.61
CA TYR C 188 5.76 25.06 -37.60
C TYR C 188 6.18 25.50 -36.20
N TYR C 189 7.48 25.66 -35.98
CA TYR C 189 7.98 26.03 -34.67
C TYR C 189 7.53 27.42 -34.26
N ARG C 190 7.50 28.35 -35.23
CA ARG C 190 7.00 29.69 -34.95
C ARG C 190 5.54 29.64 -34.49
N THR C 191 4.73 28.79 -35.15
CA THR C 191 3.33 28.65 -34.75
C THR C 191 3.21 28.14 -33.32
N VAL C 192 4.01 27.13 -32.97
CA VAL C 192 3.90 26.53 -31.64
C VAL C 192 4.37 27.51 -30.58
N TRP C 193 5.48 28.20 -30.83
CA TRP C 193 6.04 29.11 -29.82
C TRP C 193 5.19 30.35 -29.65
N ASN C 194 4.58 30.85 -30.73
CA ASN C 194 3.67 31.98 -30.58
C ASN C 194 2.43 31.59 -29.81
N LEU C 195 2.01 30.34 -29.92
CA LEU C 195 0.79 29.88 -29.28
C LEU C 195 0.99 29.65 -27.77
N LEU C 196 2.19 29.20 -27.36
CA LEU C 196 2.38 28.72 -26.00
C LEU C 196 3.41 29.49 -25.20
N ILE C 197 4.31 30.24 -25.83
CA ILE C 197 5.41 30.91 -25.12
C ILE C 197 5.42 32.40 -25.47
N TYR C 198 5.55 32.71 -26.76
CA TYR C 198 5.58 34.11 -27.18
C TYR C 198 4.16 34.63 -27.43
N THR C 199 3.30 34.48 -26.41
CA THR C 199 1.90 34.88 -26.52
C THR C 199 1.73 36.38 -26.39
N HIS C 200 2.61 37.04 -25.66
CA HIS C 200 2.49 38.47 -25.43
C HIS C 200 3.64 39.28 -25.97
N ASN C 201 4.85 38.73 -26.00
CA ASN C 201 5.99 39.38 -26.62
C ASN C 201 6.77 38.31 -27.36
N GLN C 202 7.46 38.70 -28.42
CA GLN C 202 8.30 37.75 -29.12
C GLN C 202 9.67 38.35 -29.30
N PRO C 203 10.68 37.54 -29.60
CA PRO C 203 12.02 38.10 -29.80
C PRO C 203 12.05 39.00 -31.01
N GLU C 204 13.04 39.88 -31.01
CA GLU C 204 13.43 40.72 -32.13
C GLU C 204 13.65 39.83 -33.34
N PRO C 205 13.37 40.30 -34.57
CA PRO C 205 13.32 39.36 -35.71
C PRO C 205 14.60 38.56 -35.96
N ASP C 206 15.77 39.21 -35.93
CA ASP C 206 17.03 38.49 -36.09
C ASP C 206 17.19 37.42 -35.03
N ARG C 207 16.83 37.76 -33.78
CA ARG C 207 16.99 36.80 -32.70
C ARG C 207 16.00 35.65 -32.81
N TYR C 208 14.76 35.93 -33.26
CA TYR C 208 13.79 34.86 -33.42
C TYR C 208 14.24 33.89 -34.52
N GLU C 209 14.82 34.43 -35.61
CA GLU C 209 15.38 33.56 -36.64
C GLU C 209 16.48 32.67 -36.09
N LYS C 210 17.38 33.24 -35.29
CA LYS C 210 18.43 32.44 -34.67
C LYS C 210 17.85 31.33 -33.81
N TYR C 211 16.83 31.66 -33.01
CA TYR C 211 16.20 30.67 -32.14
C TYR C 211 15.56 29.55 -32.96
N LEU C 212 14.91 29.89 -34.08
CA LEU C 212 14.25 28.87 -34.89
C LEU C 212 15.26 27.93 -35.52
N ASP C 213 16.38 28.47 -36.03
CA ASP C 213 17.49 27.62 -36.45
C ASP C 213 17.93 26.70 -35.31
N ASP C 214 17.96 27.23 -34.09
CA ASP C 214 18.41 26.45 -32.94
C ASP C 214 17.48 25.27 -32.66
N MET C 215 16.16 25.47 -32.79
CA MET C 215 15.23 24.38 -32.57
C MET C 215 15.46 23.22 -33.55
N LEU C 216 15.91 23.52 -34.77
CA LEU C 216 16.07 22.49 -35.79
C LEU C 216 17.30 21.63 -35.55
N THR C 217 18.16 21.98 -34.60
CA THR C 217 19.34 21.18 -34.32
C THR C 217 19.04 19.97 -33.44
N GLN C 218 17.81 19.82 -32.94
CA GLN C 218 17.52 18.76 -31.99
C GLN C 218 17.41 17.41 -32.69
N ARG C 219 18.11 16.41 -32.15
CA ARG C 219 18.13 15.06 -32.70
C ARG C 219 17.50 14.02 -31.79
N ASN C 220 16.92 14.41 -30.66
CA ASN C 220 16.56 13.44 -29.63
C ASN C 220 15.17 13.68 -29.06
N PHE C 221 14.24 14.19 -29.87
CA PHE C 221 12.98 14.68 -29.31
C PHE C 221 12.18 13.56 -28.65
N VAL C 222 12.07 12.40 -29.30
CA VAL C 222 11.31 11.30 -28.69
C VAL C 222 11.97 10.88 -27.38
N ASP C 223 13.30 10.77 -27.37
CA ASP C 223 13.99 10.30 -26.17
C ASP C 223 13.82 11.28 -25.03
N VAL C 224 13.89 12.59 -25.32
CA VAL C 224 13.76 13.58 -24.26
C VAL C 224 12.33 13.55 -23.71
N ASN C 225 11.33 13.39 -24.57
CA ASN C 225 9.96 13.30 -24.06
C ASN C 225 9.81 12.09 -23.15
N TYR C 226 10.53 11.00 -23.45
CA TYR C 226 10.45 9.83 -22.59
C TYR C 226 11.13 10.10 -21.26
N ALA C 227 12.29 10.74 -21.27
CA ALA C 227 12.95 11.09 -20.02
C ALA C 227 12.05 11.98 -19.17
N LEU C 228 11.25 12.84 -19.80
CA LEU C 228 10.36 13.74 -19.05
C LEU C 228 9.19 13.01 -18.42
N ILE C 229 8.58 12.04 -19.09
CA ILE C 229 7.45 11.38 -18.46
C ILE C 229 7.89 10.40 -17.39
N THR C 230 9.16 9.95 -17.42
CA THR C 230 9.72 9.07 -16.41
C THR C 230 10.60 9.82 -15.41
N PHE C 231 10.59 11.14 -15.43
CA PHE C 231 11.36 11.90 -14.45
C PHE C 231 10.56 11.95 -13.16
N ASN C 232 11.16 11.46 -12.07
CA ASN C 232 10.48 11.47 -10.78
C ASN C 232 11.53 11.43 -9.66
N ILE C 233 11.85 12.60 -9.09
CA ILE C 233 12.74 12.64 -7.93
C ILE C 233 11.97 12.79 -6.63
N SER C 234 10.64 12.73 -6.69
CA SER C 234 9.80 12.90 -5.52
C SER C 234 9.76 11.61 -4.68
N ASP C 235 9.03 11.68 -3.54
CA ASP C 235 8.82 10.52 -2.66
C ASP C 235 7.75 9.56 -3.17
N GLU C 236 6.94 9.97 -4.14
CA GLU C 236 5.80 9.17 -4.54
C GLU C 236 5.85 8.83 -6.02
N HIS C 237 5.10 7.79 -6.37
CA HIS C 237 4.89 7.38 -7.76
C HIS C 237 4.10 8.43 -8.52
N ASN C 238 4.47 8.69 -9.77
CA ASN C 238 3.79 9.71 -10.55
C ASN C 238 2.73 9.14 -11.50
N GLY C 239 2.36 7.87 -11.36
CA GLY C 239 1.47 7.22 -12.28
C GLY C 239 2.17 6.45 -13.38
N VAL C 240 3.45 6.73 -13.62
CA VAL C 240 4.26 5.98 -14.58
C VAL C 240 5.41 5.24 -13.90
N VAL C 241 6.20 5.95 -13.10
CA VAL C 241 7.37 5.40 -12.44
C VAL C 241 7.33 5.79 -10.97
N GLY C 242 8.07 5.03 -10.15
CA GLY C 242 8.21 5.37 -8.76
C GLY C 242 9.18 6.52 -8.57
N GLY C 243 9.15 7.12 -7.39
CA GLY C 243 9.99 8.27 -7.11
C GLY C 243 11.33 7.85 -6.54
N SER C 244 12.38 8.53 -6.99
CA SER C 244 13.73 8.20 -6.52
C SER C 244 14.06 8.78 -5.16
N LYS C 245 13.23 9.70 -4.65
CA LYS C 245 13.44 10.40 -3.39
C LYS C 245 14.67 11.29 -3.41
N GLN C 246 15.25 11.55 -4.60
CA GLN C 246 16.47 12.34 -4.64
C GLN C 246 16.23 13.82 -4.41
N ILE C 247 14.98 14.27 -4.42
CA ILE C 247 14.68 15.66 -4.08
C ILE C 247 15.25 16.02 -2.72
N HIS C 248 15.27 15.06 -1.78
CA HIS C 248 15.73 15.37 -0.43
C HIS C 248 17.24 15.59 -0.37
N ARG C 249 17.98 15.23 -1.40
CA ARG C 249 19.42 15.43 -1.41
C ARG C 249 19.83 16.79 -1.96
N ILE C 250 18.89 17.62 -2.45
CA ILE C 250 19.23 18.90 -3.06
C ILE C 250 19.41 19.94 -1.98
N LYS C 251 20.65 20.08 -1.49
CA LYS C 251 21.01 20.90 -0.34
C LYS C 251 21.31 22.35 -0.68
N ALA C 252 21.70 22.62 -1.93
CA ALA C 252 22.11 23.96 -2.30
C ALA C 252 20.96 24.95 -2.15
N PRO C 253 21.24 26.19 -1.73
CA PRO C 253 20.20 27.23 -1.73
C PRO C 253 19.65 27.42 -3.13
N THR C 254 18.36 27.17 -3.27
CA THR C 254 17.73 27.04 -4.57
C THR C 254 16.72 28.17 -4.75
N LEU C 255 16.87 28.91 -5.84
CA LEU C 255 15.87 29.87 -6.25
C LEU C 255 14.98 29.23 -7.32
N VAL C 256 13.68 29.21 -7.05
CA VAL C 256 12.69 28.72 -7.99
C VAL C 256 12.01 29.92 -8.63
N ILE C 257 12.24 30.11 -9.92
CA ILE C 257 11.66 31.18 -10.70
C ILE C 257 10.50 30.60 -11.49
N GLN C 258 9.35 31.26 -11.41
CA GLN C 258 8.13 30.74 -12.02
C GLN C 258 7.32 31.89 -12.60
N GLY C 259 6.83 31.72 -13.82
CA GLY C 259 6.02 32.72 -14.46
C GLY C 259 4.55 32.51 -14.16
N ASP C 260 3.81 33.62 -14.08
CA ASP C 260 2.39 33.55 -13.72
C ASP C 260 1.50 33.25 -14.90
N ARG C 261 2.00 33.31 -16.14
CA ARG C 261 1.20 32.90 -17.28
C ARG C 261 2.03 31.98 -18.17
N ASP C 262 2.89 31.18 -17.54
CA ASP C 262 3.64 30.15 -18.23
C ASP C 262 2.67 29.03 -18.64
N TYR C 263 2.42 28.90 -19.94
CA TYR C 263 1.46 27.91 -20.44
C TYR C 263 2.08 26.54 -20.70
N VAL C 264 3.40 26.43 -20.62
CA VAL C 264 4.10 25.15 -20.75
C VAL C 264 4.32 24.51 -19.39
N VAL C 265 4.82 25.29 -18.44
CA VAL C 265 5.04 24.87 -17.06
C VAL C 265 4.18 25.76 -16.16
N PRO C 266 2.98 25.33 -15.79
CA PRO C 266 2.08 26.22 -15.04
C PRO C 266 2.61 26.57 -13.65
N GLN C 267 2.08 27.67 -13.11
CA GLN C 267 2.54 28.25 -11.86
C GLN C 267 2.61 27.23 -10.72
N VAL C 268 1.63 26.32 -10.64
CA VAL C 268 1.59 25.38 -9.54
C VAL C 268 2.81 24.45 -9.53
N VAL C 269 3.45 24.23 -10.68
CA VAL C 269 4.65 23.40 -10.70
C VAL C 269 5.73 24.02 -9.84
N GLY C 270 6.06 25.29 -10.10
CA GLY C 270 7.12 25.92 -9.34
C GLY C 270 6.78 25.99 -7.85
N GLU C 271 5.52 26.25 -7.53
CA GLU C 271 5.12 26.33 -6.13
C GLU C 271 5.37 25.01 -5.40
N GLU C 272 5.07 23.90 -6.07
CA GLU C 272 5.30 22.60 -5.45
C GLU C 272 6.79 22.31 -5.28
N LEU C 273 7.62 22.68 -6.27
CA LEU C 273 9.06 22.53 -6.14
C LEU C 273 9.59 23.27 -4.91
N ALA C 274 9.19 24.53 -4.77
CA ALA C 274 9.66 25.32 -3.63
C ALA C 274 9.18 24.74 -2.30
N LYS C 275 8.02 24.08 -2.31
CA LYS C 275 7.53 23.47 -1.07
C LYS C 275 8.29 22.20 -0.72
N HIS C 276 8.67 21.41 -1.73
CA HIS C 276 9.30 20.13 -1.42
C HIS C 276 10.83 20.16 -1.42
N LEU C 277 11.45 21.15 -2.04
CA LEU C 277 12.89 21.24 -1.99
C LEU C 277 13.34 21.48 -0.54
N PRO C 278 14.50 20.95 -0.15
CA PRO C 278 15.00 21.19 1.22
C PRO C 278 15.26 22.65 1.54
N ASN C 279 15.78 23.44 0.59
CA ASN C 279 16.35 24.76 0.93
C ASN C 279 16.10 25.73 -0.23
N ALA C 280 14.85 26.10 -0.45
CA ALA C 280 14.48 26.84 -1.64
C ALA C 280 13.64 28.07 -1.32
N GLU C 281 13.62 29.01 -2.27
CA GLU C 281 12.81 30.21 -2.20
C GLU C 281 12.09 30.39 -3.54
N LEU C 282 10.81 30.73 -3.49
CA LEU C 282 9.98 30.87 -4.68
C LEU C 282 9.84 32.34 -5.06
N LYS C 283 10.02 32.63 -6.34
CA LYS C 283 9.73 33.96 -6.86
C LYS C 283 8.86 33.77 -8.10
N VAL C 284 7.60 34.19 -8.00
CA VAL C 284 6.69 34.17 -9.15
C VAL C 284 6.76 35.51 -9.85
N LEU C 285 7.10 35.49 -11.12
CA LEU C 285 7.24 36.71 -11.92
C LEU C 285 5.90 37.09 -12.53
N GLU C 286 5.53 38.35 -12.35
CA GLU C 286 4.26 38.87 -12.81
C GLU C 286 4.32 39.09 -14.32
N ASP C 287 3.24 38.74 -15.01
CA ASP C 287 3.12 38.94 -16.46
C ASP C 287 4.31 38.33 -17.18
N CYS C 288 4.49 37.03 -16.93
CA CYS C 288 5.66 36.34 -17.42
C CYS C 288 5.23 34.92 -17.79
N GLY C 289 5.60 34.50 -18.98
CA GLY C 289 5.33 33.17 -19.50
C GLY C 289 6.54 32.27 -19.37
N HIS C 290 6.61 31.28 -20.27
CA HIS C 290 7.69 30.29 -20.24
C HIS C 290 9.05 30.90 -20.51
N SER C 291 9.10 32.07 -21.15
CA SER C 291 10.37 32.70 -21.47
C SER C 291 10.45 34.03 -20.72
N PRO C 292 11.00 34.04 -19.51
CA PRO C 292 11.25 35.31 -18.84
C PRO C 292 12.30 36.13 -19.55
N PHE C 293 13.15 35.50 -20.38
CA PHE C 293 14.19 36.24 -21.10
C PHE C 293 13.57 37.23 -22.06
N ILE C 294 12.44 36.86 -22.66
CA ILE C 294 11.74 37.75 -23.59
C ILE C 294 10.69 38.59 -22.84
N ASP C 295 10.01 38.01 -21.85
CA ASP C 295 8.92 38.72 -21.19
C ASP C 295 9.39 39.81 -20.22
N CYS C 296 10.38 39.51 -19.37
CA CYS C 296 10.76 40.49 -18.33
C CYS C 296 12.22 40.23 -17.94
N LEU C 297 13.12 40.49 -18.88
CA LEU C 297 14.52 40.12 -18.70
C LEU C 297 15.16 40.86 -17.53
N ASP C 298 14.80 42.15 -17.36
CA ASP C 298 15.45 42.95 -16.33
C ASP C 298 15.00 42.54 -14.92
N VAL C 299 13.71 42.21 -14.77
CA VAL C 299 13.23 41.70 -13.49
C VAL C 299 13.86 40.33 -13.21
N PHE C 300 13.95 39.49 -14.24
CA PHE C 300 14.57 38.17 -14.09
C PHE C 300 16.02 38.30 -13.65
N ILE C 301 16.79 39.13 -14.35
CA ILE C 301 18.22 39.23 -14.06
C ILE C 301 18.45 39.79 -12.66
N LYS C 302 17.59 40.71 -12.22
CA LYS C 302 17.69 41.25 -10.86
C LYS C 302 17.58 40.15 -9.81
N HIS C 303 16.58 39.29 -9.94
CA HIS C 303 16.46 38.18 -9.00
C HIS C 303 17.66 37.26 -9.07
N VAL C 304 18.13 36.94 -10.29
CA VAL C 304 19.26 36.02 -10.41
C VAL C 304 20.50 36.63 -9.75
N GLU C 305 20.78 37.90 -10.05
CA GLU C 305 21.95 38.56 -9.48
C GLU C 305 21.87 38.60 -7.96
N ASP C 306 20.71 38.96 -7.41
CA ASP C 306 20.52 38.94 -5.95
C ASP C 306 20.83 37.56 -5.39
N TRP C 307 20.36 36.51 -6.06
CA TRP C 307 20.57 35.16 -5.55
C TRP C 307 22.05 34.78 -5.58
N LEU C 308 22.72 35.02 -6.72
CA LEU C 308 24.12 34.64 -6.80
C LEU C 308 24.99 35.43 -5.82
N GLU C 309 24.57 36.66 -5.48
CA GLU C 309 25.36 37.52 -4.62
C GLU C 309 25.19 37.24 -3.13
N GLN C 310 24.12 36.53 -2.72
CA GLN C 310 23.84 36.42 -1.29
C GLN C 310 24.87 35.52 -0.58
N PRO D 15 -35.37 -2.40 -22.40
CA PRO D 15 -35.26 -2.76 -20.97
C PRO D 15 -35.87 -4.14 -20.70
N ALA D 16 -35.02 -5.16 -20.59
CA ALA D 16 -35.53 -6.50 -20.32
C ALA D 16 -36.08 -6.59 -18.91
N THR D 17 -37.19 -7.31 -18.73
CA THR D 17 -37.74 -7.49 -17.39
C THR D 17 -36.80 -8.34 -16.56
N MET D 18 -36.54 -7.91 -15.34
CA MET D 18 -35.43 -8.46 -14.58
C MET D 18 -35.93 -9.42 -13.51
N GLU D 19 -35.08 -10.38 -13.18
CA GLU D 19 -35.15 -11.17 -11.98
C GLU D 19 -34.35 -10.48 -10.88
N PHE D 20 -34.63 -10.87 -9.64
CA PHE D 20 -33.96 -10.27 -8.50
C PHE D 20 -33.56 -11.37 -7.53
N VAL D 21 -32.41 -11.19 -6.87
CA VAL D 21 -32.02 -12.02 -5.73
C VAL D 21 -31.52 -11.11 -4.62
N SER D 22 -31.93 -11.41 -3.38
CA SER D 22 -31.42 -10.67 -2.23
C SER D 22 -30.20 -11.39 -1.68
N LEU D 23 -29.15 -10.63 -1.40
CA LEU D 23 -27.90 -11.18 -0.88
C LEU D 23 -27.86 -11.02 0.63
N SER D 24 -27.01 -11.84 1.26
CA SER D 24 -26.86 -11.78 2.71
C SER D 24 -26.25 -10.48 3.20
N ASN D 25 -25.70 -9.65 2.32
CA ASN D 25 -25.14 -8.35 2.70
C ASN D 25 -26.15 -7.21 2.57
N GLY D 26 -27.42 -7.51 2.32
CA GLY D 26 -28.46 -6.50 2.35
C GLY D 26 -28.78 -5.87 1.01
N GLU D 27 -28.04 -6.20 -0.05
CA GLU D 27 -28.36 -5.68 -1.37
C GLU D 27 -29.31 -6.63 -2.12
N THR D 28 -30.08 -6.06 -3.04
CA THR D 28 -30.89 -6.85 -3.96
C THR D 28 -30.35 -6.62 -5.36
N ILE D 29 -29.93 -7.68 -6.03
CA ILE D 29 -29.28 -7.61 -7.34
C ILE D 29 -30.30 -7.93 -8.42
N ALA D 30 -30.41 -7.05 -9.41
CA ALA D 30 -31.25 -7.31 -10.57
C ALA D 30 -30.41 -7.99 -11.64
N TYR D 31 -30.99 -8.95 -12.35
CA TYR D 31 -30.23 -9.65 -13.37
C TYR D 31 -31.13 -10.18 -14.47
N GLN D 32 -30.54 -10.36 -15.65
CA GLN D 32 -31.20 -11.01 -16.77
C GLN D 32 -30.76 -12.47 -16.81
N GLU D 33 -31.70 -13.35 -17.15
CA GLU D 33 -31.37 -14.77 -17.30
C GLU D 33 -32.09 -15.33 -18.52
N VAL D 34 -31.34 -15.98 -19.41
CA VAL D 34 -31.88 -16.62 -20.61
C VAL D 34 -31.15 -17.93 -20.85
N GLY D 35 -31.75 -18.78 -21.68
CA GLY D 35 -31.12 -20.03 -22.07
C GLY D 35 -31.01 -21.08 -20.98
N ARG D 36 -32.02 -21.17 -20.11
CA ARG D 36 -32.01 -22.14 -19.02
C ARG D 36 -31.89 -23.57 -19.52
N ARG D 37 -32.36 -23.85 -20.73
CA ARG D 37 -32.27 -25.19 -21.30
C ARG D 37 -30.82 -25.58 -21.63
N ASN D 38 -29.90 -24.63 -21.69
CA ASN D 38 -28.53 -24.94 -22.11
C ASN D 38 -27.66 -25.30 -20.90
N THR D 39 -26.64 -26.13 -21.16
CA THR D 39 -25.84 -26.70 -20.08
C THR D 39 -24.71 -25.77 -19.64
N ASP D 40 -24.01 -25.14 -20.58
CA ASP D 40 -22.86 -24.32 -20.25
C ASP D 40 -23.30 -22.95 -19.75
N ILE D 41 -22.80 -22.54 -18.58
CA ILE D 41 -23.22 -21.28 -17.97
C ILE D 41 -22.20 -20.19 -18.28
N LEU D 42 -22.72 -19.01 -18.59
CA LEU D 42 -21.92 -17.82 -18.90
C LEU D 42 -22.44 -16.64 -18.10
N VAL D 43 -21.58 -16.03 -17.29
CA VAL D 43 -21.94 -14.89 -16.46
C VAL D 43 -21.30 -13.65 -17.07
N LEU D 44 -22.09 -12.57 -17.22
CA LEU D 44 -21.65 -11.35 -17.89
C LEU D 44 -21.64 -10.18 -16.93
N ILE D 45 -20.56 -9.39 -16.94
CA ILE D 45 -20.37 -8.24 -16.05
C ILE D 45 -20.10 -7.00 -16.88
N HIS D 46 -20.97 -6.00 -16.77
CA HIS D 46 -20.90 -4.76 -17.52
C HIS D 46 -19.84 -3.83 -16.92
N GLY D 47 -19.59 -2.71 -17.59
CA GLY D 47 -18.65 -1.72 -17.12
C GLY D 47 -19.32 -0.45 -16.61
N ASN D 48 -18.53 0.61 -16.51
CA ASN D 48 -19.04 1.85 -15.93
C ASN D 48 -20.03 2.50 -16.88
N MET D 49 -20.93 3.29 -16.32
CA MET D 49 -21.96 4.03 -17.07
C MET D 49 -22.97 3.11 -17.75
N THR D 50 -23.01 1.83 -17.38
CA THR D 50 -23.90 0.89 -18.06
C THR D 50 -24.49 -0.07 -17.03
N SER D 51 -25.47 -0.86 -17.47
CA SER D 51 -25.89 -2.03 -16.70
C SER D 51 -25.96 -3.24 -17.62
N SER D 52 -26.59 -4.33 -17.18
CA SER D 52 -26.71 -5.50 -18.03
C SER D 52 -27.45 -5.23 -19.34
N GLN D 53 -28.25 -4.15 -19.41
CA GLN D 53 -28.91 -3.81 -20.67
C GLN D 53 -27.91 -3.69 -21.81
N HIS D 54 -26.69 -3.22 -21.54
CA HIS D 54 -25.70 -3.12 -22.62
C HIS D 54 -25.21 -4.47 -23.13
N TRP D 55 -25.58 -5.58 -22.50
CA TRP D 55 -25.26 -6.89 -23.05
C TRP D 55 -26.32 -7.41 -24.01
N ASP D 56 -27.30 -6.58 -24.38
CA ASP D 56 -28.45 -7.09 -25.13
C ASP D 56 -28.00 -7.79 -26.42
N LEU D 57 -27.04 -7.21 -27.13
CA LEU D 57 -26.63 -7.77 -28.42
C LEU D 57 -25.93 -9.10 -28.25
N VAL D 58 -25.07 -9.22 -27.23
CA VAL D 58 -24.35 -10.46 -26.98
C VAL D 58 -25.31 -11.55 -26.51
N ILE D 59 -26.27 -11.17 -25.67
CA ILE D 59 -27.25 -12.13 -25.15
C ILE D 59 -28.05 -12.73 -26.29
N GLU D 60 -28.53 -11.88 -27.21
CA GLU D 60 -29.31 -12.36 -28.33
C GLU D 60 -28.49 -13.30 -29.22
N LYS D 61 -27.19 -13.02 -29.39
CA LYS D 61 -26.36 -13.88 -30.24
C LYS D 61 -26.02 -15.22 -29.58
N LEU D 62 -25.97 -15.27 -28.25
CA LEU D 62 -25.47 -16.43 -27.54
C LEU D 62 -26.54 -17.22 -26.79
N GLN D 63 -27.77 -16.68 -26.67
CA GLN D 63 -28.74 -17.31 -25.77
C GLN D 63 -29.24 -18.66 -26.27
N ASP D 64 -29.01 -19.00 -27.53
CA ASP D 64 -29.43 -20.30 -28.04
C ASP D 64 -28.39 -21.39 -27.79
N GLN D 65 -27.22 -21.01 -27.28
CA GLN D 65 -26.15 -21.95 -26.96
C GLN D 65 -25.76 -22.00 -25.49
N TYR D 66 -25.97 -20.93 -24.73
CA TYR D 66 -25.48 -20.81 -23.36
C TYR D 66 -26.60 -20.40 -22.42
N HIS D 67 -26.45 -20.82 -21.17
CA HIS D 67 -27.29 -20.38 -20.06
C HIS D 67 -26.63 -19.11 -19.50
N ILE D 68 -27.23 -17.95 -19.76
CA ILE D 68 -26.56 -16.67 -19.49
C ILE D 68 -27.22 -15.97 -18.30
N TYR D 69 -26.39 -15.49 -17.38
CA TYR D 69 -26.79 -14.56 -16.33
C TYR D 69 -26.04 -13.24 -16.55
N ALA D 70 -26.77 -12.13 -16.64
CA ALA D 70 -26.16 -10.80 -16.81
C ALA D 70 -26.68 -9.91 -15.69
N LEU D 71 -25.84 -9.60 -14.72
CA LEU D 71 -26.28 -8.92 -13.51
C LEU D 71 -26.02 -7.43 -13.62
N ASP D 72 -26.86 -6.66 -12.91
CA ASP D 72 -26.63 -5.25 -12.69
C ASP D 72 -25.79 -5.12 -11.42
N LEU D 73 -24.58 -4.57 -11.53
CA LEU D 73 -23.79 -4.40 -10.32
C LEU D 73 -24.50 -3.44 -9.38
N ARG D 74 -24.12 -3.50 -8.10
CA ARG D 74 -24.71 -2.63 -7.08
C ARG D 74 -24.66 -1.17 -7.51
N GLY D 75 -25.80 -0.49 -7.44
CA GLY D 75 -25.87 0.91 -7.81
C GLY D 75 -26.01 1.20 -9.30
N PHE D 76 -26.11 0.18 -10.13
CA PHE D 76 -26.42 0.31 -11.55
C PHE D 76 -27.77 -0.31 -11.85
N GLY D 77 -28.45 0.20 -12.88
CA GLY D 77 -29.62 -0.49 -13.38
C GLY D 77 -30.72 -0.57 -12.33
N GLN D 78 -31.24 -1.78 -12.11
CA GLN D 78 -32.33 -1.98 -11.17
C GLN D 78 -31.87 -2.63 -9.85
N SER D 79 -30.56 -2.70 -9.62
CA SER D 79 -30.03 -3.20 -8.37
C SER D 79 -30.06 -2.09 -7.31
N THR D 80 -30.09 -2.50 -6.04
CA THR D 80 -30.08 -1.53 -4.96
C THR D 80 -28.69 -0.92 -4.81
N TYR D 81 -28.60 0.13 -4.00
CA TYR D 81 -27.32 0.68 -3.57
C TYR D 81 -27.45 1.07 -2.10
N ASN D 82 -27.69 0.09 -1.24
CA ASN D 82 -27.98 0.39 0.15
C ASN D 82 -26.74 0.76 0.93
N GLN D 83 -25.60 0.16 0.59
CA GLN D 83 -24.29 0.52 1.15
C GLN D 83 -23.36 0.87 0.01
N SER D 84 -22.52 1.88 0.23
CA SER D 84 -21.62 2.31 -0.82
C SER D 84 -20.49 1.30 -1.00
N ILE D 85 -19.92 1.29 -2.21
CA ILE D 85 -18.73 0.50 -2.50
C ILE D 85 -17.53 1.43 -2.49
N ASP D 86 -16.36 0.85 -2.27
CA ASP D 86 -15.14 1.62 -2.45
C ASP D 86 -14.04 0.86 -3.17
N SER D 87 -14.36 -0.29 -3.79
CA SER D 87 -13.34 -1.06 -4.48
C SER D 87 -14.02 -1.98 -5.46
N LEU D 88 -13.24 -2.44 -6.45
CA LEU D 88 -13.79 -3.47 -7.33
C LEU D 88 -13.96 -4.78 -6.59
N GLN D 89 -13.21 -4.98 -5.51
CA GLN D 89 -13.41 -6.16 -4.65
C GLN D 89 -14.82 -6.19 -4.08
N ASP D 90 -15.35 -5.03 -3.69
CA ASP D 90 -16.75 -4.96 -3.26
C ASP D 90 -17.69 -5.51 -4.33
N PHE D 91 -17.46 -5.18 -5.60
CA PHE D 91 -18.28 -5.74 -6.68
C PHE D 91 -18.03 -7.24 -6.83
N ALA D 92 -16.77 -7.69 -6.73
CA ALA D 92 -16.50 -9.13 -6.84
C ALA D 92 -17.10 -9.92 -5.69
N GLU D 93 -17.17 -9.32 -4.50
CA GLU D 93 -17.84 -10.00 -3.40
C GLU D 93 -19.34 -10.15 -3.68
N ASP D 94 -19.99 -9.07 -4.17
CA ASP D 94 -21.37 -9.19 -4.61
C ASP D 94 -21.56 -10.31 -5.64
N VAL D 95 -20.66 -10.37 -6.63
CA VAL D 95 -20.76 -11.42 -7.64
C VAL D 95 -20.70 -12.79 -7.00
N LYS D 96 -19.81 -12.97 -6.02
CA LYS D 96 -19.76 -14.26 -5.33
C LYS D 96 -21.07 -14.56 -4.62
N LEU D 97 -21.61 -13.59 -3.86
CA LEU D 97 -22.87 -13.82 -3.16
C LEU D 97 -24.01 -14.09 -4.14
N PHE D 98 -23.97 -13.40 -5.29
CA PHE D 98 -24.96 -13.62 -6.34
C PHE D 98 -24.91 -15.05 -6.87
N ILE D 99 -23.71 -15.52 -7.23
CA ILE D 99 -23.66 -16.86 -7.82
C ILE D 99 -23.93 -17.92 -6.76
N ASP D 100 -23.55 -17.68 -5.50
CA ASP D 100 -23.93 -18.59 -4.42
C ASP D 100 -25.45 -18.69 -4.29
N GLU D 101 -26.15 -17.56 -4.34
CA GLU D 101 -27.60 -17.59 -4.22
C GLU D 101 -28.23 -18.37 -5.35
N LEU D 102 -27.66 -18.28 -6.54
CA LEU D 102 -28.13 -19.05 -7.68
C LEU D 102 -27.64 -20.49 -7.66
N LYS D 103 -26.83 -20.86 -6.66
CA LYS D 103 -26.32 -22.22 -6.48
C LYS D 103 -25.44 -22.65 -7.65
N LEU D 104 -24.76 -21.71 -8.27
CA LEU D 104 -23.82 -22.04 -9.33
C LEU D 104 -22.54 -22.59 -8.74
N GLU D 105 -21.90 -23.49 -9.47
CA GLU D 105 -20.64 -24.08 -9.05
C GLU D 105 -19.51 -23.89 -10.06
N LYS D 106 -19.82 -23.78 -11.36
CA LYS D 106 -18.83 -23.60 -12.41
C LYS D 106 -19.46 -22.83 -13.57
N PHE D 107 -18.71 -21.89 -14.13
CA PHE D 107 -19.26 -21.07 -15.21
C PHE D 107 -18.12 -20.37 -15.91
N SER D 108 -18.40 -19.90 -17.14
CA SER D 108 -17.45 -18.98 -17.75
C SER D 108 -17.86 -17.54 -17.42
N LEU D 109 -16.90 -16.65 -17.50
CA LEU D 109 -17.09 -15.29 -16.99
C LEU D 109 -16.52 -14.30 -17.98
N MET D 110 -17.30 -13.29 -18.35
CA MET D 110 -16.88 -12.29 -19.32
C MET D 110 -17.21 -10.91 -18.76
N GLY D 111 -16.20 -10.04 -18.73
CA GLY D 111 -16.39 -8.66 -18.25
C GLY D 111 -15.91 -7.64 -19.24
N TRP D 112 -16.63 -6.52 -19.31
CA TRP D 112 -16.35 -5.41 -20.23
C TRP D 112 -15.85 -4.22 -19.43
N ALA D 113 -14.71 -3.65 -19.85
CA ALA D 113 -14.15 -2.45 -19.23
C ALA D 113 -14.02 -2.60 -17.71
N MET D 114 -14.67 -1.73 -16.92
CA MET D 114 -14.63 -1.88 -15.47
C MET D 114 -15.03 -3.30 -15.05
N GLY D 115 -15.98 -3.90 -15.79
CA GLY D 115 -16.41 -5.27 -15.47
C GLY D 115 -15.35 -6.31 -15.68
N GLY D 116 -14.40 -6.04 -16.59
CA GLY D 116 -13.25 -6.93 -16.71
C GLY D 116 -12.37 -6.90 -15.47
N GLY D 117 -12.21 -5.71 -14.87
CA GLY D 117 -11.49 -5.62 -13.62
C GLY D 117 -12.19 -6.38 -12.51
N VAL D 118 -13.51 -6.27 -12.43
CA VAL D 118 -14.29 -7.04 -11.47
C VAL D 118 -14.14 -8.53 -11.76
N ALA D 119 -14.22 -8.91 -13.03
CA ALA D 119 -14.11 -10.31 -13.40
C ALA D 119 -12.74 -10.87 -13.04
N MET D 120 -11.69 -10.09 -13.27
CA MET D 120 -10.34 -10.51 -12.89
C MET D 120 -10.24 -10.72 -11.38
N GLN D 121 -10.73 -9.75 -10.60
CA GLN D 121 -10.68 -9.86 -9.15
C GLN D 121 -11.45 -11.09 -8.67
N PHE D 122 -12.65 -11.29 -9.20
CA PHE D 122 -13.42 -12.47 -8.84
C PHE D 122 -12.63 -13.74 -9.14
N THR D 123 -12.04 -13.82 -10.34
CA THR D 123 -11.33 -15.03 -10.74
C THR D 123 -10.12 -15.30 -9.84
N ALA D 124 -9.42 -14.25 -9.42
CA ALA D 124 -8.36 -14.43 -8.43
C ALA D 124 -8.92 -14.93 -7.10
N ASN D 125 -10.11 -14.46 -6.72
CA ASN D 125 -10.65 -14.79 -5.40
C ASN D 125 -11.13 -16.24 -5.33
N HIS D 126 -11.74 -16.73 -6.40
CA HIS D 126 -12.49 -17.99 -6.38
C HIS D 126 -12.16 -18.80 -7.65
N PRO D 127 -10.91 -19.22 -7.78
CA PRO D 127 -10.47 -19.80 -9.06
C PRO D 127 -11.21 -21.07 -9.48
N THR D 128 -11.68 -21.90 -8.53
CA THR D 128 -12.34 -23.14 -8.89
C THR D 128 -13.73 -22.92 -9.50
N PHE D 129 -14.26 -21.70 -9.47
CA PHE D 129 -15.56 -21.44 -10.07
C PHE D 129 -15.50 -21.08 -11.54
N VAL D 130 -14.34 -20.64 -12.04
CA VAL D 130 -14.24 -20.04 -13.37
C VAL D 130 -13.62 -21.05 -14.32
N GLU D 131 -14.38 -21.46 -15.34
CA GLU D 131 -13.85 -22.35 -16.36
C GLU D 131 -13.03 -21.58 -17.39
N LYS D 132 -13.60 -20.48 -17.87
CA LYS D 132 -13.01 -19.63 -18.90
C LYS D 132 -13.26 -18.19 -18.51
N LEU D 133 -12.29 -17.34 -18.74
CA LEU D 133 -12.36 -15.91 -18.47
C LEU D 133 -12.17 -15.15 -19.77
N ILE D 134 -13.08 -14.22 -20.09
CA ILE D 134 -12.98 -13.40 -21.29
C ILE D 134 -13.00 -11.94 -20.87
N LEU D 135 -11.97 -11.19 -21.22
CA LEU D 135 -11.87 -9.79 -20.85
C LEU D 135 -12.06 -8.96 -22.12
N VAL D 136 -13.02 -8.05 -22.10
CA VAL D 136 -13.41 -7.30 -23.30
C VAL D 136 -13.10 -5.84 -23.03
N GLU D 137 -12.04 -5.32 -23.65
CA GLU D 137 -11.59 -3.95 -23.41
C GLU D 137 -11.51 -3.68 -21.92
N SER D 138 -10.91 -4.60 -21.19
CA SER D 138 -10.93 -4.50 -19.74
C SER D 138 -10.06 -3.34 -19.28
N VAL D 139 -10.47 -2.70 -18.21
CA VAL D 139 -9.61 -1.78 -17.49
C VAL D 139 -8.29 -2.51 -17.20
N GLY D 140 -7.18 -1.78 -17.16
CA GLY D 140 -5.89 -2.42 -16.97
C GLY D 140 -5.64 -2.83 -15.53
N MET D 141 -4.54 -3.55 -15.34
CA MET D 141 -4.21 -4.10 -14.03
C MET D 141 -3.90 -3.03 -12.99
N LYS D 142 -3.65 -1.78 -13.40
CA LYS D 142 -3.38 -0.69 -12.47
C LYS D 142 -4.49 0.35 -12.44
N GLY D 143 -5.69 0.02 -12.93
CA GLY D 143 -6.76 1.02 -12.97
C GLY D 143 -6.41 2.16 -13.92
N TYR D 144 -6.89 3.35 -13.59
CA TYR D 144 -6.53 4.53 -14.38
C TYR D 144 -6.36 5.73 -13.46
N PRO D 145 -5.61 6.74 -13.91
CA PRO D 145 -5.44 7.96 -13.10
C PRO D 145 -6.55 8.98 -13.33
N ILE D 146 -6.80 9.77 -12.29
CA ILE D 146 -7.50 11.04 -12.43
C ILE D 146 -6.61 12.10 -11.81
N PHE D 147 -6.23 13.10 -12.60
CA PHE D 147 -5.44 14.21 -12.08
C PHE D 147 -6.35 15.30 -11.47
N LYS D 148 -5.85 15.94 -10.42
CA LYS D 148 -6.47 17.17 -9.97
C LYS D 148 -6.44 18.21 -11.09
N LYS D 149 -7.48 19.04 -11.15
CA LYS D 149 -7.60 20.07 -12.17
C LYS D 149 -7.29 21.43 -11.55
N ASP D 150 -6.54 22.25 -12.28
CA ASP D 150 -6.19 23.56 -11.76
C ASP D 150 -7.33 24.55 -12.09
N THR D 151 -7.19 25.78 -11.60
CA THR D 151 -8.24 26.78 -11.76
C THR D 151 -8.66 26.97 -13.21
N ASN D 152 -7.80 26.61 -14.16
CA ASN D 152 -8.08 26.77 -15.58
C ASN D 152 -8.55 25.48 -16.23
N GLY D 153 -8.88 24.45 -15.45
CA GLY D 153 -9.50 23.25 -15.98
C GLY D 153 -8.57 22.23 -16.59
N GLN D 154 -7.26 22.39 -16.41
CA GLN D 154 -6.31 21.44 -16.98
C GLN D 154 -5.61 20.67 -15.87
N PRO D 155 -5.15 19.45 -16.13
CA PRO D 155 -4.59 18.63 -15.05
C PRO D 155 -3.33 19.24 -14.42
N ILE D 156 -3.15 18.92 -13.14
CA ILE D 156 -1.95 19.27 -12.37
C ILE D 156 -1.12 18.00 -12.19
N VAL D 157 -0.01 17.93 -12.91
CA VAL D 157 0.59 16.65 -13.28
C VAL D 157 1.40 15.98 -12.19
N SER D 158 1.61 16.63 -11.06
CA SER D 158 2.27 16.00 -9.92
C SER D 158 1.30 15.62 -8.84
N SER D 159 -0.01 15.77 -9.08
CA SER D 159 -1.04 15.58 -8.07
C SER D 159 -2.14 14.73 -8.68
N LEU D 160 -2.05 13.43 -8.45
CA LEU D 160 -3.15 12.53 -8.73
C LEU D 160 -4.21 12.67 -7.65
N VAL D 161 -5.48 12.70 -8.07
CA VAL D 161 -6.59 12.58 -7.14
C VAL D 161 -6.50 11.24 -6.41
N LYS D 162 -6.81 11.25 -5.10
CA LYS D 162 -6.67 10.05 -4.30
C LYS D 162 -7.82 9.75 -3.33
N THR D 163 -8.84 10.61 -3.23
CA THR D 163 -9.92 10.39 -2.28
C THR D 163 -11.26 10.56 -2.97
N LYS D 164 -12.29 9.96 -2.37
CA LYS D 164 -13.66 10.22 -2.82
C LYS D 164 -13.98 11.70 -2.80
N GLU D 165 -13.56 12.41 -1.75
CA GLU D 165 -13.80 13.84 -1.69
C GLU D 165 -13.19 14.56 -2.89
N GLU D 166 -11.96 14.20 -3.26
CA GLU D 166 -11.30 14.84 -4.41
C GLU D 166 -11.95 14.45 -5.72
N ILE D 167 -12.47 13.22 -5.83
CA ILE D 167 -13.18 12.85 -7.05
C ILE D 167 -14.45 13.69 -7.18
N ALA D 168 -15.22 13.83 -6.10
CA ALA D 168 -16.48 14.55 -6.18
C ALA D 168 -16.27 16.03 -6.49
N GLN D 169 -15.06 16.56 -6.29
CA GLN D 169 -14.79 17.97 -6.55
C GLN D 169 -14.23 18.22 -7.95
N ASP D 170 -14.00 17.18 -8.72
CA ASP D 170 -13.41 17.36 -10.05
C ASP D 170 -14.42 18.03 -10.97
N PRO D 171 -14.13 19.22 -11.51
CA PRO D 171 -15.11 19.94 -12.33
C PRO D 171 -15.13 19.57 -13.81
N VAL D 172 -14.17 18.77 -14.29
CA VAL D 172 -14.07 18.47 -15.73
C VAL D 172 -14.58 17.07 -16.05
N GLN D 173 -14.11 16.04 -15.33
CA GLN D 173 -14.50 14.66 -15.62
C GLN D 173 -15.64 14.14 -14.77
N ILE D 174 -15.86 14.69 -13.58
CA ILE D 174 -16.82 14.12 -12.63
C ILE D 174 -18.08 14.98 -12.54
N ALA D 175 -17.92 16.26 -12.20
CA ALA D 175 -19.05 17.18 -12.10
C ALA D 175 -19.98 17.16 -13.31
N PRO D 176 -19.50 17.16 -14.56
CA PRO D 176 -20.47 17.14 -15.68
C PRO D 176 -21.31 15.88 -15.70
N VAL D 177 -20.74 14.73 -15.31
CA VAL D 177 -21.50 13.48 -15.31
C VAL D 177 -22.57 13.53 -14.23
N LEU D 178 -22.20 13.96 -13.02
CA LEU D 178 -23.18 14.04 -11.95
C LEU D 178 -24.31 15.01 -12.30
N ASP D 179 -23.96 16.15 -12.91
CA ASP D 179 -24.98 17.09 -13.39
C ASP D 179 -25.91 16.41 -14.39
N ALA D 180 -25.34 15.66 -15.34
CA ALA D 180 -26.14 15.05 -16.39
C ALA D 180 -27.08 13.98 -15.83
N ILE D 181 -26.61 13.24 -14.82
CA ILE D 181 -27.48 12.24 -14.20
C ILE D 181 -28.63 12.95 -13.50
N LYS D 182 -28.34 14.01 -12.75
CA LYS D 182 -29.37 14.73 -12.01
C LYS D 182 -30.41 15.35 -12.93
N ASN D 183 -29.99 15.84 -14.09
CA ASN D 183 -30.89 16.54 -15.00
C ASN D 183 -31.33 15.68 -16.18
N MET D 184 -31.03 14.38 -16.16
CA MET D 184 -31.41 13.47 -17.23
C MET D 184 -31.00 14.02 -18.59
N ASN D 185 -29.74 14.45 -18.67
CA ASN D 185 -29.21 15.10 -19.87
C ASN D 185 -28.63 14.02 -20.76
N LYS D 186 -29.47 13.51 -21.67
CA LYS D 186 -29.01 12.47 -22.59
C LYS D 186 -28.10 13.05 -23.65
N LEU D 187 -28.25 14.33 -23.94
CA LEU D 187 -27.39 14.93 -24.95
C LEU D 187 -25.95 15.00 -24.47
N TYR D 188 -25.72 15.19 -23.16
CA TYR D 188 -24.37 15.11 -22.64
C TYR D 188 -23.76 13.73 -22.89
N TYR D 189 -24.54 12.67 -22.63
CA TYR D 189 -24.03 11.32 -22.77
C TYR D 189 -23.76 10.96 -24.22
N ARG D 190 -24.65 11.38 -25.15
CA ARG D 190 -24.39 11.17 -26.57
C ARG D 190 -23.07 11.80 -27.00
N THR D 191 -22.85 13.06 -26.61
CA THR D 191 -21.60 13.74 -26.97
C THR D 191 -20.40 12.93 -26.51
N VAL D 192 -20.40 12.48 -25.26
CA VAL D 192 -19.26 11.75 -24.71
C VAL D 192 -19.07 10.41 -25.43
N TRP D 193 -20.16 9.66 -25.59
CA TRP D 193 -20.03 8.34 -26.20
C TRP D 193 -19.71 8.46 -27.68
N ASN D 194 -20.31 9.44 -28.37
CA ASN D 194 -19.92 9.72 -29.75
C ASN D 194 -18.44 10.06 -29.85
N LEU D 195 -17.92 10.84 -28.90
CA LEU D 195 -16.51 11.26 -28.98
C LEU D 195 -15.57 10.08 -28.81
N LEU D 196 -15.83 9.20 -27.83
CA LEU D 196 -14.82 8.26 -27.38
C LEU D 196 -15.11 6.80 -27.69
N ILE D 197 -16.36 6.45 -28.03
CA ILE D 197 -16.77 5.07 -28.30
C ILE D 197 -17.39 4.95 -29.69
N TYR D 198 -18.52 5.62 -29.91
CA TYR D 198 -19.20 5.49 -31.21
C TYR D 198 -18.59 6.43 -32.24
N THR D 199 -17.27 6.32 -32.41
CA THR D 199 -16.51 7.20 -33.29
C THR D 199 -16.73 6.86 -34.76
N HIS D 200 -17.04 5.61 -35.07
CA HIS D 200 -17.19 5.17 -36.45
C HIS D 200 -18.54 4.54 -36.74
N ASN D 201 -19.20 3.97 -35.73
CA ASN D 201 -20.52 3.39 -35.86
C ASN D 201 -21.27 3.68 -34.57
N GLN D 202 -22.57 3.81 -34.69
CA GLN D 202 -23.50 4.04 -33.60
C GLN D 202 -24.44 2.85 -33.44
N PRO D 203 -24.98 2.61 -32.25
CA PRO D 203 -26.10 1.68 -32.16
C PRO D 203 -27.28 2.21 -32.94
N GLU D 204 -28.13 1.28 -33.37
CA GLU D 204 -29.38 1.66 -34.00
C GLU D 204 -30.17 2.60 -33.08
N PRO D 205 -30.99 3.50 -33.63
CA PRO D 205 -31.57 4.56 -32.80
C PRO D 205 -32.39 4.07 -31.61
N ASP D 206 -33.20 3.01 -31.77
CA ASP D 206 -33.94 2.48 -30.63
C ASP D 206 -32.98 1.98 -29.55
N ARG D 207 -31.92 1.30 -29.98
CA ARG D 207 -30.98 0.76 -29.02
C ARG D 207 -30.20 1.88 -28.32
N TYR D 208 -29.74 2.87 -29.09
CA TYR D 208 -29.01 3.97 -28.46
C TYR D 208 -29.84 4.64 -27.38
N GLU D 209 -31.13 4.85 -27.63
CA GLU D 209 -31.97 5.47 -26.60
C GLU D 209 -32.11 4.58 -25.37
N LYS D 210 -32.28 3.28 -25.55
CA LYS D 210 -32.25 2.38 -24.39
C LYS D 210 -30.92 2.46 -23.66
N TYR D 211 -29.81 2.53 -24.39
CA TYR D 211 -28.50 2.66 -23.74
C TYR D 211 -28.41 3.96 -22.94
N LEU D 212 -28.93 5.06 -23.51
CA LEU D 212 -28.88 6.34 -22.82
C LEU D 212 -29.73 6.31 -21.55
N ASP D 213 -30.94 5.72 -21.62
CA ASP D 213 -31.73 5.50 -20.42
C ASP D 213 -30.94 4.70 -19.38
N ASP D 214 -30.28 3.63 -19.83
CA ASP D 214 -29.43 2.80 -18.97
C ASP D 214 -28.38 3.64 -18.23
N MET D 215 -27.72 4.56 -18.95
CA MET D 215 -26.69 5.38 -18.33
C MET D 215 -27.24 6.20 -17.17
N LEU D 216 -28.47 6.67 -17.29
CA LEU D 216 -29.04 7.54 -16.27
C LEU D 216 -29.49 6.79 -15.03
N THR D 217 -29.36 5.46 -15.00
CA THR D 217 -29.69 4.68 -13.81
C THR D 217 -28.55 4.61 -12.82
N GLN D 218 -27.37 5.12 -13.17
CA GLN D 218 -26.22 4.96 -12.30
C GLN D 218 -26.34 5.86 -11.07
N ARG D 219 -26.11 5.27 -9.90
CA ARG D 219 -26.25 6.01 -8.65
C ARG D 219 -24.96 6.05 -7.85
N ASN D 220 -23.85 5.57 -8.38
CA ASN D 220 -22.61 5.37 -7.62
C ASN D 220 -21.40 5.90 -8.38
N PHE D 221 -21.58 6.90 -9.24
CA PHE D 221 -20.52 7.28 -10.17
C PHE D 221 -19.24 7.71 -9.45
N VAL D 222 -19.35 8.46 -8.34
CA VAL D 222 -18.15 8.84 -7.59
C VAL D 222 -17.47 7.61 -6.99
N ASP D 223 -18.25 6.74 -6.34
CA ASP D 223 -17.65 5.57 -5.68
C ASP D 223 -16.99 4.66 -6.72
N VAL D 224 -17.58 4.57 -7.90
CA VAL D 224 -17.03 3.71 -8.95
C VAL D 224 -15.71 4.27 -9.45
N ASN D 225 -15.63 5.59 -9.60
CA ASN D 225 -14.37 6.20 -10.00
C ASN D 225 -13.31 5.99 -8.93
N TYR D 226 -13.70 6.08 -7.65
CA TYR D 226 -12.75 5.80 -6.57
C TYR D 226 -12.24 4.37 -6.66
N ALA D 227 -13.15 3.42 -6.86
CA ALA D 227 -12.71 2.03 -7.02
C ALA D 227 -11.78 1.86 -8.21
N LEU D 228 -11.95 2.67 -9.26
CA LEU D 228 -11.09 2.49 -10.44
C LEU D 228 -9.71 3.13 -10.28
N ILE D 229 -9.61 4.29 -9.62
CA ILE D 229 -8.27 4.84 -9.41
C ILE D 229 -7.49 4.05 -8.36
N THR D 230 -8.17 3.27 -7.53
CA THR D 230 -7.50 2.46 -6.52
C THR D 230 -7.43 0.99 -6.89
N PHE D 231 -7.87 0.62 -8.09
CA PHE D 231 -7.77 -0.75 -8.56
C PHE D 231 -6.34 -1.04 -9.01
N ASN D 232 -5.68 -2.02 -8.39
CA ASN D 232 -4.28 -2.31 -8.72
C ASN D 232 -3.98 -3.73 -8.29
N ILE D 233 -4.06 -4.68 -9.23
CA ILE D 233 -3.73 -6.07 -8.97
C ILE D 233 -2.31 -6.41 -9.40
N SER D 234 -1.52 -5.41 -9.77
CA SER D 234 -0.18 -5.64 -10.28
C SER D 234 0.82 -5.78 -9.13
N ASP D 235 2.10 -5.90 -9.50
CA ASP D 235 3.20 -5.91 -8.55
C ASP D 235 3.79 -4.53 -8.29
N GLU D 236 3.24 -3.47 -8.88
CA GLU D 236 3.80 -2.13 -8.75
C GLU D 236 2.76 -1.16 -8.21
N HIS D 237 3.24 0.01 -7.81
CA HIS D 237 2.39 1.12 -7.42
C HIS D 237 1.80 1.79 -8.66
N ASN D 238 0.63 2.41 -8.49
CA ASN D 238 -0.02 3.08 -9.61
C ASN D 238 -0.11 4.59 -9.42
N GLY D 239 0.53 5.15 -8.40
CA GLY D 239 0.42 6.55 -8.07
C GLY D 239 -0.55 6.83 -6.95
N VAL D 240 -1.49 5.92 -6.68
CA VAL D 240 -2.45 6.04 -5.59
C VAL D 240 -2.26 4.95 -4.55
N VAL D 241 -2.26 3.68 -4.97
CA VAL D 241 -2.15 2.55 -4.06
C VAL D 241 -1.09 1.59 -4.59
N GLY D 242 -0.56 0.80 -3.68
CA GLY D 242 0.32 -0.28 -4.08
C GLY D 242 -0.45 -1.40 -4.73
N GLY D 243 0.28 -2.27 -5.41
CA GLY D 243 -0.37 -3.37 -6.11
C GLY D 243 -0.61 -4.56 -5.20
N SER D 244 -1.74 -5.23 -5.41
CA SER D 244 -2.10 -6.34 -4.55
C SER D 244 -1.43 -7.65 -4.95
N LYS D 245 -0.74 -7.70 -6.09
CA LYS D 245 -0.07 -8.88 -6.65
C LYS D 245 -1.03 -10.00 -7.03
N GLN D 246 -2.33 -9.76 -7.04
CA GLN D 246 -3.26 -10.87 -7.25
C GLN D 246 -3.38 -11.28 -8.71
N ILE D 247 -2.82 -10.51 -9.64
CA ILE D 247 -2.85 -10.90 -11.05
C ILE D 247 -2.27 -12.31 -11.24
N HIS D 248 -1.31 -12.72 -10.40
CA HIS D 248 -0.74 -14.06 -10.51
C HIS D 248 -1.69 -15.17 -10.10
N ARG D 249 -2.82 -14.85 -9.47
CA ARG D 249 -3.79 -15.84 -9.03
C ARG D 249 -4.86 -16.12 -10.09
N ILE D 250 -4.78 -15.49 -11.25
CA ILE D 250 -5.79 -15.64 -12.30
C ILE D 250 -5.26 -16.71 -13.25
N LYS D 251 -5.61 -17.97 -12.96
CA LYS D 251 -5.06 -19.09 -13.69
C LYS D 251 -6.02 -19.65 -14.73
N ALA D 252 -7.28 -19.21 -14.74
CA ALA D 252 -8.21 -19.67 -15.73
C ALA D 252 -7.73 -19.28 -17.13
N PRO D 253 -7.99 -20.11 -18.13
CA PRO D 253 -7.65 -19.72 -19.52
C PRO D 253 -8.39 -18.46 -19.91
N THR D 254 -7.64 -17.40 -20.18
CA THR D 254 -8.17 -16.05 -20.32
C THR D 254 -7.97 -15.55 -21.73
N LEU D 255 -9.05 -15.09 -22.35
CA LEU D 255 -9.00 -14.40 -23.63
C LEU D 255 -9.04 -12.90 -23.36
N VAL D 256 -8.02 -12.18 -23.80
CA VAL D 256 -7.98 -10.73 -23.67
C VAL D 256 -8.39 -10.15 -25.04
N ILE D 257 -9.59 -9.59 -25.12
CA ILE D 257 -10.09 -8.99 -26.35
C ILE D 257 -9.84 -7.49 -26.27
N GLN D 258 -9.27 -6.94 -27.33
CA GLN D 258 -8.82 -5.55 -27.29
C GLN D 258 -8.98 -4.93 -28.67
N GLY D 259 -9.66 -3.80 -28.74
CA GLY D 259 -9.82 -3.13 -30.03
C GLY D 259 -8.63 -2.26 -30.36
N ASP D 260 -8.38 -2.09 -31.67
CA ASP D 260 -7.23 -1.33 -32.13
C ASP D 260 -7.45 0.18 -32.14
N ARG D 261 -8.69 0.67 -32.06
CA ARG D 261 -8.93 2.11 -31.95
C ARG D 261 -9.80 2.44 -30.73
N ASP D 262 -9.60 1.70 -29.65
CA ASP D 262 -10.35 1.94 -28.41
C ASP D 262 -9.80 3.18 -27.72
N TYR D 263 -10.58 4.25 -27.70
CA TYR D 263 -10.14 5.50 -27.10
C TYR D 263 -10.31 5.53 -25.59
N VAL D 264 -11.04 4.59 -25.02
CA VAL D 264 -11.24 4.52 -23.57
C VAL D 264 -10.17 3.65 -22.92
N VAL D 265 -9.94 2.48 -23.48
CA VAL D 265 -8.91 1.54 -23.04
C VAL D 265 -8.00 1.26 -24.24
N PRO D 266 -6.86 1.95 -24.34
CA PRO D 266 -6.00 1.79 -25.51
C PRO D 266 -5.44 0.38 -25.63
N GLN D 267 -4.95 0.09 -26.84
CA GLN D 267 -4.46 -1.25 -27.15
C GLN D 267 -3.30 -1.68 -26.23
N VAL D 268 -2.46 -0.73 -25.78
CA VAL D 268 -1.34 -1.09 -24.92
C VAL D 268 -1.82 -1.67 -23.59
N VAL D 269 -3.02 -1.30 -23.14
CA VAL D 269 -3.52 -1.81 -21.86
C VAL D 269 -3.82 -3.31 -21.97
N GLY D 270 -4.53 -3.71 -23.02
CA GLY D 270 -4.79 -5.14 -23.22
C GLY D 270 -3.53 -5.94 -23.49
N GLU D 271 -2.59 -5.34 -24.20
CA GLU D 271 -1.30 -6.03 -24.41
C GLU D 271 -0.58 -6.22 -23.09
N GLU D 272 -0.66 -5.23 -22.19
CA GLU D 272 -0.05 -5.38 -20.86
C GLU D 272 -0.77 -6.44 -20.01
N LEU D 273 -2.11 -6.50 -20.12
CA LEU D 273 -2.84 -7.55 -19.41
C LEU D 273 -2.39 -8.93 -19.86
N ALA D 274 -2.36 -9.14 -21.18
CA ALA D 274 -2.04 -10.45 -21.71
C ALA D 274 -0.62 -10.87 -21.38
N LYS D 275 0.29 -9.90 -21.30
CA LYS D 275 1.67 -10.21 -20.95
C LYS D 275 1.81 -10.60 -19.48
N HIS D 276 1.00 -10.03 -18.61
CA HIS D 276 1.17 -10.26 -17.18
C HIS D 276 0.25 -11.33 -16.60
N LEU D 277 -0.87 -11.64 -17.25
CA LEU D 277 -1.70 -12.76 -16.82
C LEU D 277 -0.95 -14.09 -17.03
N PRO D 278 -1.18 -15.07 -16.15
CA PRO D 278 -0.43 -16.33 -16.27
C PRO D 278 -0.84 -17.21 -17.45
N ASN D 279 -2.07 -17.09 -17.94
CA ASN D 279 -2.65 -18.08 -18.87
C ASN D 279 -3.62 -17.36 -19.80
N ALA D 280 -3.06 -16.51 -20.66
CA ALA D 280 -3.87 -15.60 -21.44
C ALA D 280 -3.42 -15.59 -22.88
N GLU D 281 -4.36 -15.34 -23.78
CA GLU D 281 -4.08 -15.10 -25.18
C GLU D 281 -4.69 -13.77 -25.57
N LEU D 282 -3.97 -12.99 -26.35
CA LEU D 282 -4.45 -11.68 -26.79
C LEU D 282 -5.02 -11.79 -28.19
N LYS D 283 -6.20 -11.22 -28.39
CA LYS D 283 -6.76 -11.05 -29.73
C LYS D 283 -7.10 -9.57 -29.89
N VAL D 284 -6.37 -8.89 -30.77
CA VAL D 284 -6.64 -7.50 -31.10
C VAL D 284 -7.60 -7.48 -32.27
N LEU D 285 -8.76 -6.83 -32.10
CA LEU D 285 -9.77 -6.76 -33.16
C LEU D 285 -9.52 -5.56 -34.07
N GLU D 286 -9.46 -5.81 -35.37
CA GLU D 286 -9.22 -4.76 -36.35
C GLU D 286 -10.44 -3.86 -36.47
N ASP D 287 -10.20 -2.56 -36.68
CA ASP D 287 -11.27 -1.59 -36.85
C ASP D 287 -12.30 -1.70 -35.72
N CYS D 288 -11.82 -1.62 -34.48
CA CYS D 288 -12.67 -1.86 -33.33
C CYS D 288 -12.30 -0.91 -32.21
N GLY D 289 -13.29 -0.17 -31.71
CA GLY D 289 -13.17 0.73 -30.57
C GLY D 289 -13.59 0.07 -29.27
N HIS D 290 -14.10 0.89 -28.35
CA HIS D 290 -14.44 0.39 -27.02
C HIS D 290 -15.65 -0.52 -27.03
N SER D 291 -16.48 -0.47 -28.09
CA SER D 291 -17.68 -1.29 -28.13
C SER D 291 -17.54 -2.26 -29.31
N PRO D 292 -16.98 -3.45 -29.10
CA PRO D 292 -17.00 -4.46 -30.17
C PRO D 292 -18.42 -4.86 -30.54
N PHE D 293 -19.37 -4.66 -29.62
CA PHE D 293 -20.76 -5.05 -29.89
C PHE D 293 -21.35 -4.21 -31.01
N ILE D 294 -20.89 -2.97 -31.15
CA ILE D 294 -21.34 -2.08 -32.21
C ILE D 294 -20.41 -2.12 -33.41
N ASP D 295 -19.10 -2.24 -33.18
CA ASP D 295 -18.14 -2.10 -34.28
C ASP D 295 -17.98 -3.39 -35.08
N CYS D 296 -18.03 -4.56 -34.41
CA CYS D 296 -17.82 -5.81 -35.11
C CYS D 296 -18.40 -6.98 -34.32
N LEU D 297 -19.73 -6.99 -34.19
CA LEU D 297 -20.37 -7.98 -33.33
C LEU D 297 -20.11 -9.39 -33.83
N ASP D 298 -20.22 -9.58 -35.14
CA ASP D 298 -20.08 -10.91 -35.70
C ASP D 298 -18.69 -11.49 -35.45
N VAL D 299 -17.64 -10.69 -35.62
CA VAL D 299 -16.30 -11.21 -35.39
C VAL D 299 -16.07 -11.44 -33.91
N PHE D 300 -16.59 -10.55 -33.06
CA PHE D 300 -16.45 -10.70 -31.62
C PHE D 300 -17.07 -12.00 -31.13
N ILE D 301 -18.31 -12.28 -31.56
CA ILE D 301 -19.00 -13.46 -31.05
C ILE D 301 -18.30 -14.73 -31.52
N LYS D 302 -17.79 -14.75 -32.76
CA LYS D 302 -17.05 -15.92 -33.22
C LYS D 302 -15.87 -16.22 -32.31
N HIS D 303 -15.12 -15.18 -31.90
CA HIS D 303 -14.02 -15.37 -30.97
C HIS D 303 -14.50 -15.87 -29.62
N VAL D 304 -15.61 -15.30 -29.13
CA VAL D 304 -16.16 -15.72 -27.85
C VAL D 304 -16.60 -17.17 -27.91
N GLU D 305 -17.36 -17.54 -28.95
CA GLU D 305 -17.81 -18.92 -29.09
C GLU D 305 -16.62 -19.88 -29.17
N ASP D 306 -15.60 -19.53 -29.97
CA ASP D 306 -14.46 -20.44 -30.12
C ASP D 306 -13.76 -20.64 -28.79
N TRP D 307 -13.60 -19.57 -28.02
CA TRP D 307 -12.97 -19.67 -26.71
C TRP D 307 -13.80 -20.55 -25.76
N LEU D 308 -15.13 -20.34 -25.74
CA LEU D 308 -15.98 -21.13 -24.84
C LEU D 308 -16.07 -22.59 -25.24
N GLU D 309 -15.87 -22.91 -26.52
CA GLU D 309 -15.99 -24.29 -26.98
C GLU D 309 -14.71 -25.08 -26.88
N GLN D 310 -13.56 -24.43 -26.64
CA GLN D 310 -12.28 -25.12 -26.51
C GLN D 310 -12.30 -26.16 -25.40
#